data_6G4Q
#
_entry.id   6G4Q
#
_cell.length_a   130.200
_cell.length_b   130.200
_cell.length_c   119.772
_cell.angle_alpha   90.000
_cell.angle_beta   90.000
_cell.angle_gamma   120.000
#
_symmetry.space_group_name_H-M   'P 31 2 1'
#
loop_
_entity.id
_entity.type
_entity.pdbx_description
1 polymer 'Succinate--CoA ligase [ADP/GDP-forming] subunit alpha, mitochondrial'
2 polymer 'Succinate--CoA ligase [ADP-forming] subunit beta, mitochondrial'
3 non-polymer 1,2-ETHANEDIOL
4 water water
#
loop_
_entity_poly.entity_id
_entity_poly.type
_entity_poly.pdbx_seq_one_letter_code
_entity_poly.pdbx_strand_id
1 'polypeptide(L)'
;SMSYTASRQHLYVDKNTKIICQGFTGKQGTFHSQQALEYGTKLVGGTTPGKGGQTHLGLPVFNTVKEAKEQTGATASVIY
VPPPFAAAAINEAIEAEIPLVVCITEGIPQQDMVRVKHKLLRQEKTRLIGPNCPGVINPGECKIGIMPGHIHKKGRIGIV
SRSGTLTYEAVHQTTQVGLGQSLCVGIGGDPFNGTDFIDCLEIFLNDSATEGIILIGEIGGNAEENAAEFLKQHNSGPNS
KPVVSFIAGLTAPPGRRMG(NEP)AGAIIAGGKGGAKEKISALQSAGVVVSMSPAQLGTTIYKEFEKRKML
;
A
2 'polypeptide(L)'
;MNLSLHEYMSMELLQEAGVSVPKGYVAKSPDEAYAIAKKLGSKDVVIKAQVLAGGRGKGTFESGLKGGVKIVFSPEEAKA
VSSQMIGKKLFTKQTGEKGRICNQVLVCERKYPRREYYFAITMERSFQGPVLIGSSHGGVNIEDVAAESPEAIIKEPIDI
EEGIKKEQALQLAQKMGFPPNIVESAAENMVKLYSLFLKYDATMIEINPMVEDSDGAVLCMDAKINFDSNSAYRQKKIFD
LQDWTQEDERDKDAAKANLNYIGLDGNIGCLVNGAGLAMATMDIIKLHGGTPANFLDVGGGATVHQVTEAFKLITSDKKV
LAILVNIFGGIMRCDVIAQGIVMAVKDLEIKIPVVVRLQGTRVDDAKALIADSGLKILACDDLDEAARMVVKLSEIVTLA
KQAHVDVKFQLPIWQ
;
B
#
# COMPACT_ATOMS: atom_id res chain seq x y z
N MET A 2 29.50 -12.31 4.86
CA MET A 2 28.89 -11.99 6.14
C MET A 2 27.48 -11.40 5.96
N SER A 3 27.27 -10.21 6.50
CA SER A 3 25.95 -9.60 6.53
C SER A 3 25.67 -8.83 5.24
N TYR A 4 24.39 -8.82 4.85
CA TYR A 4 23.96 -8.05 3.69
C TYR A 4 24.06 -6.55 3.92
N THR A 5 24.15 -6.11 5.18
CA THR A 5 24.35 -4.70 5.48
C THR A 5 25.72 -4.18 5.02
N ALA A 6 26.58 -5.03 4.50
CA ALA A 6 27.88 -4.60 3.98
C ALA A 6 27.76 -3.87 2.64
N SER A 7 26.63 -3.99 1.95
CA SER A 7 26.41 -3.33 0.68
C SER A 7 25.72 -1.98 0.81
N ARG A 8 25.59 -1.45 2.04
CA ARG A 8 24.95 -0.16 2.23
C ARG A 8 25.72 0.96 1.53
N GLN A 9 27.05 0.81 1.42
CA GLN A 9 27.86 1.84 0.77
C GLN A 9 27.51 2.02 -0.71
N HIS A 10 26.90 1.02 -1.33
CA HIS A 10 26.55 1.13 -2.75
C HIS A 10 25.36 2.06 -2.99
N LEU A 11 24.72 2.57 -1.93
CA LEU A 11 23.60 3.48 -2.12
C LEU A 11 24.08 4.84 -2.63
N TYR A 12 25.30 5.25 -2.26
CA TYR A 12 25.77 6.60 -2.55
C TYR A 12 26.40 6.63 -3.94
N VAL A 13 25.54 6.80 -4.95
CA VAL A 13 26.02 7.00 -6.30
C VAL A 13 26.71 8.36 -6.40
N ASP A 14 27.64 8.47 -7.35
CA ASP A 14 28.38 9.71 -7.54
C ASP A 14 28.57 9.92 -9.04
N LYS A 15 29.42 10.89 -9.40
CA LYS A 15 29.66 11.22 -10.80
C LYS A 15 30.36 10.10 -11.56
N ASN A 16 30.87 9.08 -10.87
CA ASN A 16 31.60 8.00 -11.53
C ASN A 16 30.76 6.74 -11.67
N THR A 17 29.49 6.78 -11.31
CA THR A 17 28.64 5.61 -11.38
C THR A 17 28.20 5.36 -12.83
N LYS A 18 28.41 4.14 -13.31
CA LYS A 18 28.03 3.74 -14.65
C LYS A 18 26.83 2.80 -14.55
N ILE A 19 25.81 3.06 -15.37
CA ILE A 19 24.51 2.41 -15.24
C ILE A 19 24.17 1.69 -16.54
N ILE A 20 23.56 0.50 -16.41
CA ILE A 20 22.91 -0.18 -17.52
C ILE A 20 21.44 -0.34 -17.16
N CYS A 21 20.59 -0.33 -18.19
CA CYS A 21 19.14 -0.36 -18.00
C CYS A 21 18.60 -1.73 -18.40
N GLN A 22 18.16 -2.51 -17.41
CA GLN A 22 17.48 -3.76 -17.69
C GLN A 22 16.07 -3.46 -18.18
N GLY A 23 15.75 -3.93 -19.39
CA GLY A 23 14.53 -3.52 -20.05
C GLY A 23 14.78 -2.30 -20.91
N PHE A 24 15.88 -2.34 -21.66
CA PHE A 24 16.33 -1.17 -22.41
C PHE A 24 15.41 -0.88 -23.59
N THR A 25 14.89 -1.93 -24.24
CA THR A 25 14.13 -1.74 -25.46
C THR A 25 12.69 -1.30 -25.20
N GLY A 26 12.13 -1.69 -24.06
CA GLY A 26 10.75 -1.35 -23.75
C GLY A 26 10.49 0.15 -23.73
N LYS A 27 9.19 0.49 -23.75
CA LYS A 27 8.80 1.89 -23.79
C LYS A 27 9.25 2.63 -22.53
N GLN A 28 9.04 2.02 -21.36
CA GLN A 28 9.44 2.67 -20.11
C GLN A 28 10.95 2.78 -20.00
N GLY A 29 11.67 1.73 -20.38
CA GLY A 29 13.12 1.77 -20.29
C GLY A 29 13.74 2.76 -21.26
N THR A 30 13.21 2.83 -22.48
CA THR A 30 13.75 3.76 -23.47
C THR A 30 13.49 5.20 -23.05
N PHE A 31 12.31 5.48 -22.52
CA PHE A 31 11.94 6.86 -22.18
C PHE A 31 12.86 7.42 -21.10
N HIS A 32 13.00 6.71 -19.97
CA HIS A 32 13.81 7.21 -18.88
C HIS A 32 15.31 7.12 -19.16
N SER A 33 15.73 6.24 -20.08
CA SER A 33 17.13 6.23 -20.49
C SER A 33 17.47 7.46 -21.32
N GLN A 34 16.53 7.94 -22.14
CA GLN A 34 16.74 9.19 -22.87
C GLN A 34 17.02 10.34 -21.91
N GLN A 35 16.27 10.39 -20.81
CA GLN A 35 16.43 11.48 -19.85
C GLN A 35 17.71 11.38 -19.04
N ALA A 36 18.11 10.16 -18.66
CA ALA A 36 19.32 9.99 -17.87
C ALA A 36 20.54 10.46 -18.64
N LEU A 37 20.52 10.33 -19.97
CA LEU A 37 21.61 10.87 -20.79
C LEU A 37 21.57 12.40 -20.82
N GLU A 38 20.37 12.97 -20.92
CA GLU A 38 20.25 14.42 -20.95
C GLU A 38 20.53 15.04 -19.58
N TYR A 39 20.36 14.29 -18.49
CA TYR A 39 20.70 14.81 -17.17
C TYR A 39 22.19 14.78 -16.90
N GLY A 40 22.94 13.93 -17.58
CA GLY A 40 24.36 13.83 -17.41
C GLY A 40 24.86 12.60 -16.67
N THR A 41 24.05 11.54 -16.58
CA THR A 41 24.45 10.31 -15.92
C THR A 41 24.99 9.32 -16.96
N LYS A 42 25.93 8.50 -16.52
CA LYS A 42 26.65 7.59 -17.42
C LYS A 42 25.84 6.30 -17.63
N LEU A 43 24.71 6.46 -18.31
CA LEU A 43 23.94 5.35 -18.82
C LEU A 43 24.70 4.75 -20.00
N VAL A 44 25.33 3.59 -19.79
CA VAL A 44 26.30 3.06 -20.76
C VAL A 44 25.77 1.88 -21.56
N GLY A 45 24.64 1.29 -21.18
CA GLY A 45 24.13 0.17 -21.93
C GLY A 45 22.80 -0.29 -21.37
N GLY A 46 22.41 -1.49 -21.79
CA GLY A 46 21.14 -2.06 -21.36
C GLY A 46 21.01 -3.48 -21.83
N THR A 47 20.05 -4.19 -21.23
CA THR A 47 19.81 -5.59 -21.52
C THR A 47 18.39 -5.78 -22.03
N THR A 48 18.26 -6.67 -23.02
CA THR A 48 16.96 -7.09 -23.54
C THR A 48 17.12 -8.45 -24.19
N PRO A 49 16.53 -9.50 -23.61
CA PRO A 49 16.72 -10.86 -24.16
C PRO A 49 16.21 -10.96 -25.59
N GLY A 50 17.06 -11.53 -26.46
CA GLY A 50 16.74 -11.67 -27.85
C GLY A 50 17.21 -10.53 -28.73
N LYS A 51 17.64 -9.40 -28.14
CA LYS A 51 18.10 -8.25 -28.90
C LYS A 51 19.56 -7.91 -28.58
N GLY A 52 20.33 -8.88 -28.11
CA GLY A 52 21.73 -8.63 -27.82
C GLY A 52 22.52 -8.36 -29.09
N GLY A 53 23.40 -7.37 -29.03
CA GLY A 53 24.21 -6.97 -30.16
C GLY A 53 23.67 -5.81 -30.95
N GLN A 54 22.43 -5.38 -30.68
CA GLN A 54 21.84 -4.26 -31.40
C GLN A 54 22.31 -2.95 -30.78
N THR A 55 21.88 -1.84 -31.39
CA THR A 55 22.26 -0.51 -30.95
C THR A 55 20.99 0.28 -30.66
N HIS A 56 20.78 0.60 -29.38
CA HIS A 56 19.62 1.35 -28.92
C HIS A 56 20.08 2.70 -28.42
N LEU A 57 19.59 3.77 -29.05
CA LEU A 57 19.98 5.13 -28.69
C LEU A 57 21.49 5.31 -28.77
N GLY A 58 22.10 4.73 -29.80
CA GLY A 58 23.54 4.79 -29.96
C GLY A 58 24.31 4.01 -28.92
N LEU A 59 23.66 3.07 -28.23
CA LEU A 59 24.28 2.35 -27.13
C LEU A 59 24.12 0.85 -27.32
N PRO A 60 25.04 0.05 -26.79
CA PRO A 60 24.98 -1.39 -27.03
C PRO A 60 23.86 -2.05 -26.23
N VAL A 61 23.22 -3.04 -26.86
CA VAL A 61 22.19 -3.85 -26.23
C VAL A 61 22.75 -5.24 -26.00
N PHE A 62 22.60 -5.76 -24.79
CA PHE A 62 23.10 -7.08 -24.42
C PHE A 62 21.94 -8.01 -24.10
N ASN A 63 22.22 -9.30 -24.18
CA ASN A 63 21.19 -10.29 -23.89
C ASN A 63 21.06 -10.55 -22.39
N THR A 64 22.18 -10.56 -21.68
CA THR A 64 22.19 -10.85 -20.25
C THR A 64 22.94 -9.74 -19.51
N VAL A 65 22.69 -9.68 -18.21
CA VAL A 65 23.34 -8.67 -17.37
C VAL A 65 24.84 -8.91 -17.30
N LYS A 66 25.25 -10.19 -17.26
CA LYS A 66 26.67 -10.50 -17.16
C LYS A 66 27.44 -10.01 -18.37
N GLU A 67 26.88 -10.19 -19.57
CA GLU A 67 27.51 -9.66 -20.77
C GLU A 67 27.59 -8.14 -20.72
N ALA A 68 26.56 -7.50 -20.19
CA ALA A 68 26.55 -6.03 -20.12
C ALA A 68 27.58 -5.53 -19.13
N LYS A 69 27.67 -6.16 -17.96
CA LYS A 69 28.63 -5.70 -16.95
C LYS A 69 30.06 -5.89 -17.40
N GLU A 70 30.35 -7.00 -18.08
CA GLU A 70 31.72 -7.29 -18.49
C GLU A 70 32.20 -6.32 -19.56
N GLN A 71 31.35 -6.02 -20.53
CA GLN A 71 31.74 -5.20 -21.68
C GLN A 71 31.58 -3.71 -21.44
N THR A 72 30.90 -3.30 -20.37
CA THR A 72 30.72 -1.89 -20.08
C THR A 72 31.36 -1.45 -18.76
N GLY A 73 31.68 -2.37 -17.86
CA GLY A 73 32.21 -1.99 -16.56
C GLY A 73 31.22 -1.25 -15.70
N ALA A 74 29.93 -1.55 -15.82
CA ALA A 74 28.91 -0.85 -15.06
C ALA A 74 28.91 -1.30 -13.61
N THR A 75 28.66 -0.36 -12.71
CA THR A 75 28.58 -0.63 -11.28
C THR A 75 27.16 -0.45 -10.74
N ALA A 76 26.19 -0.16 -11.59
CA ALA A 76 24.82 0.04 -11.15
C ALA A 76 23.88 -0.41 -12.26
N SER A 77 22.64 -0.74 -11.87
CA SER A 77 21.64 -1.21 -12.80
C SER A 77 20.28 -0.68 -12.38
N VAL A 78 19.48 -0.27 -13.36
CA VAL A 78 18.09 0.15 -13.14
C VAL A 78 17.18 -0.80 -13.90
N ILE A 79 16.05 -1.16 -13.28
CA ILE A 79 15.17 -2.21 -13.78
C ILE A 79 13.82 -1.60 -14.13
N TYR A 80 13.41 -1.76 -15.39
CA TYR A 80 12.09 -1.37 -15.86
C TYR A 80 11.31 -2.55 -16.40
N VAL A 81 11.72 -3.77 -16.07
CA VAL A 81 11.07 -4.99 -16.58
C VAL A 81 9.66 -5.07 -16.02
N PRO A 82 8.67 -5.50 -16.81
CA PRO A 82 7.29 -5.62 -16.31
C PRO A 82 7.22 -6.51 -15.08
N PRO A 83 6.15 -6.37 -14.29
CA PRO A 83 6.06 -7.10 -13.00
C PRO A 83 6.16 -8.61 -13.15
N PRO A 84 5.61 -9.24 -14.21
CA PRO A 84 5.75 -10.70 -14.32
C PRO A 84 7.19 -11.19 -14.34
N PHE A 85 8.15 -10.38 -14.79
CA PHE A 85 9.53 -10.81 -14.89
C PHE A 85 10.51 -9.94 -14.13
N ALA A 86 10.03 -8.89 -13.45
CA ALA A 86 10.95 -7.96 -12.80
C ALA A 86 11.70 -8.61 -11.64
N ALA A 87 11.06 -9.54 -10.93
CA ALA A 87 11.75 -10.23 -9.85
C ALA A 87 12.89 -11.09 -10.37
N ALA A 88 12.71 -11.73 -11.52
CA ALA A 88 13.80 -12.48 -12.13
C ALA A 88 14.91 -11.55 -12.61
N ALA A 89 14.55 -10.33 -13.02
CA ALA A 89 15.57 -9.35 -13.40
C ALA A 89 16.43 -8.97 -12.20
N ILE A 90 15.83 -8.85 -11.02
CA ILE A 90 16.61 -8.57 -9.82
C ILE A 90 17.53 -9.73 -9.51
N ASN A 91 17.02 -10.97 -9.62
CA ASN A 91 17.84 -12.14 -9.33
C ASN A 91 19.03 -12.23 -10.28
N GLU A 92 18.81 -11.89 -11.55
CA GLU A 92 19.91 -11.92 -12.51
C GLU A 92 20.98 -10.91 -12.14
N ALA A 93 20.58 -9.73 -11.68
CA ALA A 93 21.57 -8.72 -11.30
C ALA A 93 22.30 -9.09 -10.02
N ILE A 94 21.63 -9.81 -9.10
CA ILE A 94 22.29 -10.27 -7.89
C ILE A 94 23.37 -11.29 -8.23
N GLU A 95 23.04 -12.24 -9.12
CA GLU A 95 24.01 -13.26 -9.50
C GLU A 95 25.15 -12.67 -10.31
N ALA A 96 24.88 -11.60 -11.09
CA ALA A 96 25.94 -10.88 -11.78
C ALA A 96 26.76 -10.03 -10.83
N GLU A 97 26.37 -9.93 -9.56
CA GLU A 97 27.09 -9.18 -8.55
C GLU A 97 27.21 -7.70 -8.92
N ILE A 98 26.12 -7.15 -9.44
CA ILE A 98 26.07 -5.69 -9.66
C ILE A 98 26.02 -4.98 -8.32
N PRO A 99 26.91 -4.03 -8.05
CA PRO A 99 26.94 -3.41 -6.71
C PRO A 99 25.61 -2.82 -6.27
N LEU A 100 24.95 -2.06 -7.14
CA LEU A 100 23.66 -1.42 -6.82
C LEU A 100 22.67 -1.70 -7.93
N VAL A 101 21.46 -2.14 -7.55
CA VAL A 101 20.38 -2.35 -8.50
C VAL A 101 19.16 -1.60 -8.02
N VAL A 102 18.58 -0.79 -8.90
CA VAL A 102 17.43 0.05 -8.58
C VAL A 102 16.26 -0.49 -9.40
N CYS A 103 15.27 -1.05 -8.71
CA CYS A 103 14.08 -1.61 -9.36
C CYS A 103 12.94 -0.60 -9.27
N ILE A 104 12.58 -0.01 -10.40
CA ILE A 104 11.48 0.95 -10.44
C ILE A 104 10.12 0.28 -10.58
N THR A 105 10.07 -0.97 -11.03
CA THR A 105 8.81 -1.62 -11.36
C THR A 105 7.90 -1.73 -10.15
N GLU A 106 6.66 -1.27 -10.30
CA GLU A 106 5.61 -1.50 -9.31
C GLU A 106 4.69 -2.60 -9.81
N GLY A 107 4.11 -3.34 -8.85
CA GLY A 107 3.23 -4.44 -9.17
C GLY A 107 3.86 -5.81 -9.11
N ILE A 108 5.11 -5.92 -8.68
CA ILE A 108 5.74 -7.25 -8.55
C ILE A 108 4.99 -8.04 -7.49
N PRO A 109 4.61 -9.29 -7.75
CA PRO A 109 3.92 -10.08 -6.72
C PRO A 109 4.74 -10.15 -5.45
N GLN A 110 4.04 -10.04 -4.32
CA GLN A 110 4.72 -10.05 -3.02
C GLN A 110 5.43 -11.37 -2.78
N GLN A 111 4.86 -12.48 -3.25
CA GLN A 111 5.51 -13.78 -3.10
C GLN A 111 6.83 -13.80 -3.85
N ASP A 112 6.89 -13.17 -5.03
CA ASP A 112 8.13 -13.09 -5.78
C ASP A 112 9.20 -12.34 -5.00
N MET A 113 8.83 -11.22 -4.38
CA MET A 113 9.81 -10.42 -3.64
C MET A 113 10.27 -11.12 -2.37
N VAL A 114 9.41 -11.94 -1.76
CA VAL A 114 9.83 -12.75 -0.63
C VAL A 114 10.94 -13.71 -1.06
N ARG A 115 10.79 -14.31 -2.25
CA ARG A 115 11.84 -15.17 -2.77
C ARG A 115 13.10 -14.36 -3.09
N VAL A 116 12.93 -13.19 -3.73
CA VAL A 116 14.06 -12.32 -4.01
C VAL A 116 14.75 -11.90 -2.72
N LYS A 117 13.96 -11.59 -1.69
CA LYS A 117 14.51 -11.21 -0.40
C LYS A 117 15.31 -12.35 0.21
N HIS A 118 14.84 -13.59 0.03
CA HIS A 118 15.58 -14.74 0.55
C HIS A 118 16.99 -14.81 -0.03
N LYS A 119 17.11 -14.59 -1.34
CA LYS A 119 18.41 -14.63 -1.99
C LYS A 119 19.24 -13.38 -1.64
N LEU A 120 18.59 -12.21 -1.65
CA LEU A 120 19.32 -10.97 -1.43
C LEU A 120 19.99 -10.93 -0.07
N LEU A 121 19.30 -11.42 0.96
CA LEU A 121 19.81 -11.35 2.33
C LEU A 121 20.96 -12.31 2.59
N ARG A 122 21.32 -13.16 1.63
CA ARG A 122 22.39 -14.13 1.82
C ARG A 122 23.61 -13.81 0.95
N GLN A 123 23.80 -12.53 0.62
CA GLN A 123 24.95 -12.12 -0.18
C GLN A 123 25.34 -10.70 0.19
N GLU A 124 26.56 -10.31 -0.20
CA GLU A 124 27.11 -9.01 0.11
C GLU A 124 27.29 -8.09 -1.09
N LYS A 125 27.36 -8.64 -2.30
CA LYS A 125 27.83 -7.86 -3.44
C LYS A 125 26.79 -6.86 -3.93
N THR A 126 25.52 -7.26 -3.96
CA THR A 126 24.47 -6.47 -4.59
C THR A 126 23.58 -5.83 -3.54
N ARG A 127 23.40 -4.52 -3.66
CA ARG A 127 22.48 -3.75 -2.84
C ARG A 127 21.27 -3.38 -3.69
N LEU A 128 20.07 -3.68 -3.18
CA LEU A 128 18.84 -3.49 -3.92
C LEU A 128 18.07 -2.30 -3.37
N ILE A 129 17.65 -1.40 -4.26
CA ILE A 129 16.71 -0.33 -3.94
C ILE A 129 15.40 -0.66 -4.62
N GLY A 130 14.30 -0.65 -3.86
CA GLY A 130 13.00 -0.95 -4.39
C GLY A 130 12.55 -2.35 -4.06
N PRO A 131 11.58 -2.88 -4.82
CA PRO A 131 10.96 -2.27 -5.99
C PRO A 131 9.88 -1.24 -5.67
N ASN A 132 9.14 -0.82 -6.70
CA ASN A 132 8.09 0.18 -6.54
C ASN A 132 8.65 1.48 -5.97
N CYS A 133 9.79 1.91 -6.51
CA CYS A 133 10.52 3.05 -5.97
C CYS A 133 10.93 4.00 -7.08
N PRO A 134 11.01 5.30 -6.79
CA PRO A 134 11.48 6.25 -7.81
C PRO A 134 12.98 6.22 -8.03
N GLY A 135 13.75 5.64 -7.13
CA GLY A 135 15.18 5.48 -7.31
C GLY A 135 16.00 6.34 -6.37
N VAL A 136 17.27 6.51 -6.74
CA VAL A 136 18.23 7.29 -5.98
C VAL A 136 18.81 8.35 -6.91
N ILE A 137 19.09 9.53 -6.36
CA ILE A 137 19.65 10.64 -7.14
C ILE A 137 20.66 11.38 -6.28
N ASN A 138 21.87 11.56 -6.83
CA ASN A 138 22.85 12.49 -6.28
C ASN A 138 22.75 13.78 -7.08
N PRO A 139 22.16 14.84 -6.53
CA PRO A 139 21.89 16.04 -7.35
C PRO A 139 23.17 16.61 -7.95
N GLY A 140 23.17 16.70 -9.29
CA GLY A 140 24.30 17.23 -10.02
C GLY A 140 25.35 16.21 -10.42
N GLU A 141 25.24 14.97 -9.91
CA GLU A 141 26.22 13.94 -10.23
C GLU A 141 25.57 12.75 -10.92
N CYS A 142 24.70 12.00 -10.24
CA CYS A 142 24.11 10.80 -10.80
C CYS A 142 22.63 10.76 -10.46
N LYS A 143 21.86 10.16 -11.37
CA LYS A 143 20.41 10.06 -11.23
C LYS A 143 19.98 8.70 -11.76
N ILE A 144 19.53 7.82 -10.87
CA ILE A 144 19.05 6.49 -11.22
C ILE A 144 17.57 6.43 -10.87
N GLY A 145 16.71 6.44 -11.88
CA GLY A 145 15.29 6.31 -11.62
C GLY A 145 14.42 7.22 -12.46
N ILE A 146 13.28 7.63 -11.90
CA ILE A 146 12.26 8.38 -12.62
C ILE A 146 11.99 9.74 -11.99
N MET A 147 12.78 10.12 -10.98
CA MET A 147 12.58 11.40 -10.34
C MET A 147 12.93 12.55 -11.29
N PRO A 148 12.20 13.66 -11.23
CA PRO A 148 12.53 14.82 -12.06
C PRO A 148 13.70 15.60 -11.47
N GLY A 149 14.87 15.45 -12.11
CA GLY A 149 16.07 16.14 -11.65
C GLY A 149 16.00 17.64 -11.74
N HIS A 150 14.94 18.20 -12.34
CA HIS A 150 14.81 19.65 -12.45
C HIS A 150 14.63 20.32 -11.09
N ILE A 151 13.98 19.64 -10.14
CA ILE A 151 13.67 20.22 -8.84
C ILE A 151 14.76 19.97 -7.80
N HIS A 152 15.77 19.19 -8.14
CA HIS A 152 16.82 18.85 -7.18
C HIS A 152 17.97 19.85 -7.26
N LYS A 153 18.52 20.19 -6.11
CA LYS A 153 19.68 21.06 -6.01
C LYS A 153 20.63 20.49 -4.98
N LYS A 154 21.91 20.36 -5.35
CA LYS A 154 22.89 19.77 -4.46
C LYS A 154 23.00 20.58 -3.18
N GLY A 155 22.64 19.96 -2.06
CA GLY A 155 22.62 20.67 -0.80
C GLY A 155 23.10 19.87 0.39
N ARG A 156 22.38 19.97 1.50
CA ARG A 156 22.86 19.49 2.78
C ARG A 156 21.92 18.49 3.48
N ILE A 157 20.76 18.20 2.90
CA ILE A 157 19.76 17.35 3.53
C ILE A 157 19.71 16.02 2.79
N GLY A 158 19.79 14.93 3.54
CA GLY A 158 19.57 13.60 2.98
C GLY A 158 18.12 13.20 3.17
N ILE A 159 17.50 12.73 2.10
CA ILE A 159 16.08 12.39 2.09
C ILE A 159 15.93 10.89 1.83
N VAL A 160 15.13 10.22 2.64
CA VAL A 160 14.74 8.84 2.43
C VAL A 160 13.23 8.75 2.64
N SER A 161 12.53 8.14 1.69
CA SER A 161 11.08 8.15 1.72
C SER A 161 10.53 6.87 1.09
N ARG A 162 9.34 6.48 1.53
CA ARG A 162 8.62 5.34 0.97
C ARG A 162 7.65 5.74 -0.13
N SER A 163 7.58 7.02 -0.47
CA SER A 163 6.65 7.53 -1.48
C SER A 163 7.43 8.08 -2.67
N GLY A 164 6.67 8.43 -3.71
CA GLY A 164 7.27 8.97 -4.92
C GLY A 164 7.05 10.46 -5.08
N THR A 165 5.83 10.86 -5.45
CA THR A 165 5.55 12.28 -5.64
C THR A 165 5.66 13.06 -4.34
N LEU A 166 5.28 12.43 -3.22
CA LEU A 166 5.47 13.09 -1.92
C LEU A 166 6.94 13.37 -1.64
N THR A 167 7.83 12.52 -2.15
CA THR A 167 9.26 12.81 -2.04
C THR A 167 9.63 14.05 -2.85
N TYR A 168 9.03 14.20 -4.04
CA TYR A 168 9.32 15.37 -4.87
C TYR A 168 8.86 16.64 -4.18
N GLU A 169 7.70 16.59 -3.52
CA GLU A 169 7.22 17.74 -2.77
C GLU A 169 8.23 18.18 -1.72
N ALA A 170 8.82 17.21 -1.00
CA ALA A 170 9.83 17.55 0.00
C ALA A 170 11.08 18.12 -0.65
N VAL A 171 11.52 17.54 -1.77
CA VAL A 171 12.68 18.07 -2.47
C VAL A 171 12.43 19.50 -2.91
N HIS A 172 11.23 19.77 -3.45
CA HIS A 172 10.91 21.13 -3.88
C HIS A 172 10.88 22.09 -2.69
N GLN A 173 10.37 21.64 -1.54
CA GLN A 173 10.32 22.51 -0.37
C GLN A 173 11.72 22.85 0.12
N THR A 174 12.60 21.85 0.21
CA THR A 174 13.97 22.10 0.63
C THR A 174 14.69 23.02 -0.34
N THR A 175 14.37 22.94 -1.63
CA THR A 175 15.00 23.83 -2.60
C THR A 175 14.43 25.24 -2.51
N GLN A 176 13.13 25.37 -2.22
CA GLN A 176 12.51 26.69 -2.12
C GLN A 176 13.05 27.47 -0.93
N VAL A 177 13.51 26.78 0.12
CA VAL A 177 14.14 27.45 1.25
C VAL A 177 15.66 27.54 1.08
N GLY A 178 16.17 27.17 -0.09
CA GLY A 178 17.59 27.32 -0.35
C GLY A 178 18.52 26.43 0.45
N LEU A 179 18.09 25.21 0.78
CA LEU A 179 18.92 24.27 1.53
C LEU A 179 19.51 23.19 0.64
N GLY A 180 18.70 22.59 -0.23
CA GLY A 180 19.19 21.58 -1.15
C GLY A 180 19.21 20.19 -0.55
N GLN A 181 19.69 19.25 -1.36
CA GLN A 181 19.72 17.84 -1.01
C GLN A 181 21.10 17.27 -1.22
N SER A 182 21.53 16.41 -0.30
CA SER A 182 22.82 15.72 -0.44
C SER A 182 22.66 14.38 -1.15
N LEU A 183 21.66 13.59 -0.76
CA LEU A 183 21.36 12.33 -1.42
C LEU A 183 19.91 11.97 -1.13
N CYS A 184 19.15 11.68 -2.19
CA CYS A 184 17.75 11.30 -2.06
C CYS A 184 17.58 9.85 -2.48
N VAL A 185 17.03 9.04 -1.60
CA VAL A 185 16.82 7.62 -1.85
C VAL A 185 15.36 7.30 -1.60
N GLY A 186 14.65 6.87 -2.64
CA GLY A 186 13.30 6.39 -2.50
C GLY A 186 13.28 4.88 -2.32
N ILE A 187 12.99 4.42 -1.09
CA ILE A 187 13.04 2.99 -0.81
C ILE A 187 11.80 2.25 -1.28
N GLY A 188 10.80 2.95 -1.80
CA GLY A 188 9.64 2.32 -2.38
C GLY A 188 8.53 2.06 -1.38
N GLY A 189 7.38 1.68 -1.91
CA GLY A 189 6.20 1.47 -1.09
C GLY A 189 5.75 0.02 -1.04
N ASP A 190 6.67 -0.92 -1.32
CA ASP A 190 6.33 -2.33 -1.27
C ASP A 190 6.65 -2.91 0.10
N PRO A 191 5.94 -3.95 0.53
CA PRO A 191 6.18 -4.49 1.88
C PRO A 191 7.51 -5.21 2.02
N PHE A 192 8.05 -5.76 0.93
CA PHE A 192 9.34 -6.46 0.94
C PHE A 192 10.25 -5.79 -0.07
N ASN A 193 11.18 -4.98 0.43
CA ASN A 193 12.11 -4.21 -0.40
C ASN A 193 13.54 -4.58 -0.01
N GLY A 194 14.50 -3.92 -0.67
CA GLY A 194 15.90 -4.21 -0.44
C GLY A 194 16.62 -3.21 0.44
N THR A 195 15.96 -2.10 0.78
CA THR A 195 16.59 -1.05 1.58
C THR A 195 15.53 -0.38 2.44
N ASP A 196 15.78 -0.28 3.74
CA ASP A 196 14.87 0.34 4.68
C ASP A 196 15.40 1.71 5.10
N PHE A 197 14.77 2.30 6.12
CA PHE A 197 15.20 3.61 6.60
C PHE A 197 16.57 3.53 7.27
N ILE A 198 16.79 2.49 8.08
CA ILE A 198 18.04 2.37 8.83
C ILE A 198 19.23 2.29 7.88
N ASP A 199 19.07 1.60 6.75
CA ASP A 199 20.16 1.51 5.78
C ASP A 199 20.56 2.88 5.26
N CYS A 200 19.59 3.77 5.03
CA CYS A 200 19.90 5.11 4.56
C CYS A 200 20.36 6.01 5.69
N LEU A 201 19.84 5.81 6.90
CA LEU A 201 20.26 6.63 8.04
C LEU A 201 21.72 6.39 8.38
N GLU A 202 22.19 5.14 8.24
CA GLU A 202 23.60 4.86 8.47
C GLU A 202 24.46 5.61 7.46
N ILE A 203 24.00 5.74 6.22
CA ILE A 203 24.73 6.50 5.21
C ILE A 203 24.67 8.00 5.51
N PHE A 204 23.49 8.48 5.90
CA PHE A 204 23.32 9.92 6.14
C PHE A 204 24.11 10.36 7.36
N LEU A 205 24.09 9.57 8.44
CA LEU A 205 24.76 9.95 9.68
C LEU A 205 26.28 9.88 9.55
N ASN A 206 26.78 9.17 8.55
CA ASN A 206 28.22 9.07 8.31
C ASN A 206 28.68 9.94 7.15
N ASP A 207 27.77 10.68 6.53
CA ASP A 207 28.10 11.54 5.39
C ASP A 207 28.38 12.95 5.88
N SER A 208 29.57 13.46 5.57
CA SER A 208 29.91 14.83 5.98
C SER A 208 29.07 15.86 5.24
N ALA A 209 28.63 15.54 4.02
CA ALA A 209 27.78 16.45 3.26
C ALA A 209 26.34 16.46 3.73
N THR A 210 25.94 15.49 4.56
CA THR A 210 24.59 15.40 5.07
C THR A 210 24.57 15.95 6.50
N GLU A 211 24.00 17.14 6.67
CA GLU A 211 23.87 17.75 7.99
C GLU A 211 22.46 17.60 8.56
N GLY A 212 21.46 17.45 7.70
CA GLY A 212 20.10 17.20 8.15
C GLY A 212 19.50 16.06 7.36
N ILE A 213 18.48 15.44 7.95
CA ILE A 213 17.83 14.27 7.38
C ILE A 213 16.33 14.46 7.42
N ILE A 214 15.67 14.11 6.32
CA ILE A 214 14.21 14.11 6.23
C ILE A 214 13.75 12.69 5.96
N LEU A 215 12.98 12.13 6.90
CA LEU A 215 12.42 10.79 6.77
C LEU A 215 10.93 10.91 6.50
N ILE A 216 10.49 10.44 5.34
CA ILE A 216 9.08 10.45 4.98
C ILE A 216 8.58 9.02 5.01
N GLY A 217 7.60 8.75 5.88
CA GLY A 217 7.03 7.42 6.00
C GLY A 217 5.54 7.40 5.79
N GLU A 218 4.91 6.27 6.11
CA GLU A 218 3.48 6.10 5.93
C GLU A 218 3.04 4.89 6.75
N ILE A 219 1.75 4.54 6.61
CA ILE A 219 1.21 3.39 7.33
C ILE A 219 1.85 2.10 6.81
N GLY A 220 1.72 1.04 7.61
CA GLY A 220 2.21 -0.27 7.23
C GLY A 220 3.61 -0.58 7.70
N GLY A 221 3.79 -1.75 8.32
CA GLY A 221 5.09 -2.20 8.73
C GLY A 221 5.59 -1.56 10.02
N ASN A 222 6.87 -1.79 10.30
CA ASN A 222 7.52 -1.27 11.50
C ASN A 222 8.85 -0.60 11.18
N ALA A 223 9.10 -0.29 9.91
CA ALA A 223 10.39 0.30 9.52
C ALA A 223 10.58 1.67 10.16
N GLU A 224 9.51 2.44 10.31
CA GLU A 224 9.62 3.74 10.95
C GLU A 224 9.96 3.58 12.43
N GLU A 225 9.30 2.65 13.12
CA GLU A 225 9.60 2.41 14.52
C GLU A 225 11.01 1.86 14.69
N ASN A 226 11.46 1.01 13.77
CA ASN A 226 12.83 0.52 13.83
C ASN A 226 13.82 1.65 13.62
N ALA A 227 13.51 2.58 12.70
CA ALA A 227 14.37 3.74 12.49
C ALA A 227 14.42 4.63 13.72
N ALA A 228 13.31 4.74 14.45
CA ALA A 228 13.29 5.56 15.66
C ALA A 228 14.23 5.00 16.71
N GLU A 229 14.20 3.68 16.91
CA GLU A 229 15.11 3.06 17.88
C GLU A 229 16.56 3.20 17.44
N PHE A 230 16.82 3.10 16.13
CA PHE A 230 18.18 3.27 15.63
C PHE A 230 18.69 4.69 15.86
N LEU A 231 17.84 5.69 15.61
CA LEU A 231 18.25 7.07 15.81
C LEU A 231 18.46 7.40 17.28
N LYS A 232 17.67 6.78 18.17
CA LYS A 232 17.80 7.05 19.60
C LYS A 232 19.10 6.51 20.17
N GLN A 233 19.74 5.55 19.50
CA GLN A 233 20.98 4.96 20.00
C GLN A 233 22.22 5.41 19.23
N HIS A 234 22.06 5.98 18.04
CA HIS A 234 23.19 6.39 17.22
C HIS A 234 23.15 7.85 16.81
N ASN A 235 22.10 8.59 17.18
CA ASN A 235 21.98 10.00 16.82
C ASN A 235 21.32 10.76 17.98
N SER A 236 21.98 10.73 19.15
CA SER A 236 21.46 11.40 20.34
C SER A 236 22.57 12.14 21.03
N GLY A 237 22.19 13.09 21.88
CA GLY A 237 23.13 13.86 22.65
C GLY A 237 23.81 14.93 21.82
N PRO A 238 25.12 15.08 21.99
CA PRO A 238 25.85 16.13 21.28
C PRO A 238 26.21 15.72 19.86
N ASN A 239 26.35 16.74 19.00
CA ASN A 239 26.77 16.56 17.61
C ASN A 239 25.85 15.61 16.84
N SER A 240 24.56 15.61 17.17
CA SER A 240 23.58 14.80 16.48
C SER A 240 23.01 15.57 15.29
N LYS A 241 22.58 14.82 14.28
CA LYS A 241 22.02 15.53 13.14
C LYS A 241 20.50 15.63 13.26
N PRO A 242 19.93 16.80 12.98
CA PRO A 242 18.48 16.95 13.10
C PRO A 242 17.74 16.12 12.06
N VAL A 243 16.69 15.45 12.52
CA VAL A 243 15.85 14.62 11.66
C VAL A 243 14.42 15.15 11.73
N VAL A 244 13.86 15.49 10.58
CA VAL A 244 12.50 15.98 10.46
C VAL A 244 11.71 14.96 9.65
N SER A 245 10.52 14.60 10.13
CA SER A 245 9.76 13.51 9.54
C SER A 245 8.32 13.91 9.27
N PHE A 246 7.69 13.16 8.36
CA PHE A 246 6.26 13.22 8.12
C PHE A 246 5.77 11.81 7.82
N ILE A 247 4.67 11.42 8.47
CA ILE A 247 4.06 10.11 8.28
C ILE A 247 2.67 10.31 7.69
N ALA A 248 2.40 9.64 6.57
CA ALA A 248 1.15 9.77 5.87
C ALA A 248 0.23 8.59 6.19
N GLY A 249 -1.05 8.90 6.45
CA GLY A 249 -2.02 7.86 6.66
C GLY A 249 -2.75 7.91 7.99
N LEU A 250 -2.70 9.06 8.68
CA LEU A 250 -3.47 9.18 9.91
C LEU A 250 -4.97 9.14 9.63
N THR A 251 -5.39 9.59 8.45
CA THR A 251 -6.78 9.53 8.03
C THR A 251 -7.10 8.30 7.20
N ALA A 252 -6.15 7.37 7.07
CA ALA A 252 -6.39 6.17 6.26
C ALA A 252 -7.29 5.20 7.00
N PRO A 253 -8.26 4.59 6.31
CA PRO A 253 -9.09 3.58 6.96
C PRO A 253 -8.32 2.29 7.15
N PRO A 254 -8.57 1.55 8.23
CA PRO A 254 -7.85 0.31 8.47
C PRO A 254 -8.30 -0.82 7.55
N GLY A 255 -7.40 -1.75 7.30
CA GLY A 255 -7.72 -2.91 6.49
C GLY A 255 -7.87 -2.63 5.02
N ARG A 256 -7.37 -1.50 4.54
CA ARG A 256 -7.48 -1.13 3.13
C ARG A 256 -6.08 -0.80 2.61
N ARG A 257 -5.78 -1.30 1.41
CA ARG A 257 -4.51 -1.02 0.75
C ARG A 257 -4.57 0.37 0.12
N MET A 258 -3.65 1.23 0.52
CA MET A 258 -3.63 2.62 0.04
C MET A 258 -2.67 2.76 -1.14
N GLY A 259 -3.11 2.25 -2.28
CA GLY A 259 -2.32 2.31 -3.49
C GLY A 259 -1.04 1.50 -3.40
N ALA A 261 1.53 -1.12 -2.08
CA ALA A 261 1.30 -2.49 -1.61
C ALA A 261 1.65 -2.64 -0.13
N GLY A 262 2.40 -1.68 0.41
CA GLY A 262 2.82 -1.74 1.79
C GLY A 262 2.07 -0.80 2.72
N ALA A 263 1.20 0.04 2.16
CA ALA A 263 0.43 0.99 2.97
C ALA A 263 -0.88 0.33 3.37
N ILE A 264 -0.86 -0.36 4.50
CA ILE A 264 -2.03 -1.09 4.98
C ILE A 264 -1.96 -1.17 6.50
N ILE A 265 -3.12 -1.02 7.13
CA ILE A 265 -3.27 -1.16 8.57
C ILE A 265 -4.06 -2.44 8.81
N ALA A 266 -3.42 -3.45 9.37
CA ALA A 266 -4.05 -4.74 9.58
C ALA A 266 -3.70 -5.26 10.97
N GLY A 267 -4.68 -5.89 11.62
CA GLY A 267 -4.47 -6.42 12.95
C GLY A 267 -4.09 -5.39 13.99
N GLY A 268 -4.53 -4.14 13.82
CA GLY A 268 -4.17 -3.09 14.73
C GLY A 268 -2.71 -2.68 14.69
N LYS A 269 -1.97 -3.08 13.66
CA LYS A 269 -0.57 -2.72 13.50
C LYS A 269 -0.39 -1.92 12.22
N GLY A 270 0.68 -1.13 12.20
CA GLY A 270 1.00 -0.31 11.04
C GLY A 270 0.34 1.05 11.00
N GLY A 271 -0.27 1.49 12.09
CA GLY A 271 -0.92 2.79 12.09
C GLY A 271 0.09 3.92 12.11
N ALA A 272 -0.34 5.08 11.60
CA ALA A 272 0.54 6.23 11.54
C ALA A 272 0.74 6.91 12.89
N LYS A 273 -0.21 6.74 13.83
CA LYS A 273 -0.09 7.40 15.12
C LYS A 273 1.07 6.82 15.93
N GLU A 274 1.21 5.49 15.94
CA GLU A 274 2.32 4.87 16.66
C GLU A 274 3.66 5.23 16.03
N LYS A 275 3.70 5.42 14.72
CA LYS A 275 4.93 5.81 14.06
C LYS A 275 5.32 7.24 14.42
N ILE A 276 4.34 8.15 14.43
CA ILE A 276 4.61 9.52 14.87
C ILE A 276 5.05 9.53 16.32
N SER A 277 4.38 8.74 17.16
CA SER A 277 4.72 8.69 18.59
C SER A 277 6.13 8.15 18.80
N ALA A 278 6.54 7.16 18.01
CA ALA A 278 7.85 6.57 18.19
C ALA A 278 8.96 7.50 17.71
N LEU A 279 8.75 8.17 16.57
CA LEU A 279 9.77 9.07 16.05
C LEU A 279 9.94 10.29 16.95
N GLN A 280 8.84 10.81 17.49
CA GLN A 280 8.94 11.96 18.39
C GLN A 280 9.72 11.60 19.65
N SER A 281 9.46 10.42 20.21
CA SER A 281 10.19 9.98 21.41
C SER A 281 11.67 9.75 21.13
N ALA A 282 12.04 9.57 19.86
CA ALA A 282 13.43 9.38 19.48
C ALA A 282 14.15 10.69 19.21
N GLY A 283 13.47 11.82 19.35
CA GLY A 283 14.04 13.13 19.09
C GLY A 283 13.74 13.69 17.73
N VAL A 284 13.07 12.94 16.87
CA VAL A 284 12.73 13.40 15.53
C VAL A 284 11.58 14.40 15.62
N VAL A 285 11.74 15.55 14.97
CA VAL A 285 10.68 16.54 14.89
C VAL A 285 9.72 16.12 13.79
N VAL A 286 8.52 15.71 14.16
CA VAL A 286 7.53 15.23 13.20
C VAL A 286 6.62 16.40 12.84
N SER A 287 6.55 16.71 11.54
CA SER A 287 5.70 17.77 11.04
C SER A 287 4.31 17.21 10.72
N MET A 288 3.28 17.89 11.24
CA MET A 288 1.91 17.43 11.02
C MET A 288 1.39 17.76 9.63
N SER A 289 1.99 18.74 8.96
CA SER A 289 1.58 19.12 7.61
C SER A 289 2.63 18.69 6.60
N PRO A 290 2.23 18.08 5.49
CA PRO A 290 3.22 17.68 4.46
C PRO A 290 3.82 18.87 3.72
N ALA A 291 3.31 20.08 3.93
CA ALA A 291 3.80 21.27 3.25
C ALA A 291 4.85 22.02 4.05
N GLN A 292 5.15 21.57 5.29
CA GLN A 292 6.02 22.31 6.18
C GLN A 292 7.31 21.55 6.50
N LEU A 293 7.65 20.53 5.71
CA LEU A 293 8.88 19.80 5.97
C LEU A 293 10.11 20.63 5.59
N GLY A 294 10.00 21.44 4.54
CA GLY A 294 11.12 22.30 4.18
C GLY A 294 11.36 23.41 5.19
N THR A 295 10.29 23.99 5.73
CA THR A 295 10.44 25.03 6.74
C THR A 295 10.82 24.44 8.10
N THR A 296 10.36 23.23 8.40
CA THR A 296 10.68 22.61 9.69
C THR A 296 12.17 22.30 9.79
N ILE A 297 12.73 21.65 8.76
CA ILE A 297 14.16 21.41 8.73
C ILE A 297 14.94 22.71 8.64
N TYR A 298 14.30 23.78 8.16
CA TYR A 298 14.96 25.08 8.09
C TYR A 298 15.15 25.67 9.48
N LYS A 299 14.05 25.84 10.23
CA LYS A 299 14.15 26.40 11.57
C LYS A 299 14.82 25.44 12.54
N GLU A 300 14.87 24.14 12.21
CA GLU A 300 15.66 23.22 13.01
C GLU A 300 17.14 23.46 12.80
N PHE A 301 17.52 23.99 11.62
CA PHE A 301 18.91 24.39 11.39
C PHE A 301 19.22 25.72 12.07
N GLU A 302 18.24 26.64 12.10
CA GLU A 302 18.46 27.95 12.69
C GLU A 302 18.61 27.87 14.21
N LYS A 303 17.88 26.95 14.85
CA LYS A 303 18.04 26.75 16.29
C LYS A 303 19.41 26.22 16.66
N ARG A 304 20.22 25.83 15.66
CA ARG A 304 21.59 25.39 15.89
C ARG A 304 22.58 26.21 15.07
N LYS A 305 22.17 27.36 14.57
CA LYS A 305 23.03 28.27 13.81
C LYS A 305 23.79 27.54 12.70
N MET A 306 23.02 26.96 11.79
CA MET A 306 23.58 26.19 10.69
C MET A 306 23.24 26.82 9.34
N LEU B 3 -7.77 -8.37 -3.89
CA LEU B 3 -9.12 -8.91 -3.92
C LEU B 3 -9.45 -9.67 -2.63
N SER B 4 -10.74 -9.77 -2.35
CA SER B 4 -11.24 -10.60 -1.26
C SER B 4 -12.56 -11.21 -1.69
N LEU B 5 -12.82 -12.42 -1.23
CA LEU B 5 -14.01 -13.16 -1.63
C LEU B 5 -14.95 -13.32 -0.44
N HIS B 6 -16.22 -13.59 -0.76
CA HIS B 6 -17.18 -13.90 0.28
C HIS B 6 -16.74 -15.12 1.08
N GLU B 7 -17.25 -15.24 2.30
CA GLU B 7 -16.89 -16.35 3.16
C GLU B 7 -17.10 -17.68 2.46
N TYR B 8 -18.24 -17.82 1.75
CA TYR B 8 -18.52 -19.08 1.07
C TYR B 8 -17.53 -19.36 -0.05
N MET B 9 -17.12 -18.31 -0.78
CA MET B 9 -16.13 -18.50 -1.82
C MET B 9 -14.82 -19.01 -1.25
N SER B 10 -14.44 -18.51 -0.06
CA SER B 10 -13.26 -19.02 0.62
C SER B 10 -13.44 -20.49 0.97
N MET B 11 -14.48 -20.82 1.75
CA MET B 11 -14.71 -22.19 2.19
C MET B 11 -14.73 -23.17 1.03
N GLU B 12 -15.17 -22.72 -0.15
CA GLU B 12 -15.10 -23.59 -1.33
C GLU B 12 -13.66 -23.90 -1.71
N LEU B 13 -12.76 -22.93 -1.54
CA LEU B 13 -11.36 -23.16 -1.90
C LEU B 13 -10.69 -24.18 -1.00
N LEU B 14 -10.99 -24.12 0.31
CA LEU B 14 -10.43 -25.09 1.25
C LEU B 14 -11.09 -26.46 1.12
N GLN B 15 -12.33 -26.50 0.62
CA GLN B 15 -12.94 -27.77 0.26
C GLN B 15 -12.16 -28.46 -0.86
N GLU B 16 -11.82 -27.71 -1.91
CA GLU B 16 -11.07 -28.27 -3.03
C GLU B 16 -9.65 -28.67 -2.64
N ALA B 17 -9.16 -28.21 -1.48
CA ALA B 17 -7.82 -28.56 -1.02
C ALA B 17 -7.84 -29.62 0.07
N GLY B 18 -8.97 -30.27 0.31
CA GLY B 18 -9.08 -31.29 1.32
C GLY B 18 -9.26 -30.78 2.73
N VAL B 19 -9.17 -29.47 2.96
CA VAL B 19 -9.40 -28.91 4.29
C VAL B 19 -10.88 -29.04 4.62
N SER B 20 -11.19 -29.73 5.72
CA SER B 20 -12.58 -29.99 6.07
C SER B 20 -13.26 -28.72 6.58
N VAL B 21 -14.49 -28.51 6.12
CA VAL B 21 -15.23 -27.27 6.34
C VAL B 21 -16.67 -27.65 6.67
N PRO B 22 -17.36 -26.92 7.56
CA PRO B 22 -18.76 -27.23 7.83
C PRO B 22 -19.59 -27.18 6.55
N LYS B 23 -20.46 -28.17 6.38
CA LYS B 23 -21.28 -28.27 5.17
C LYS B 23 -22.24 -27.09 5.10
N GLY B 24 -22.22 -26.38 3.97
CA GLY B 24 -23.08 -25.22 3.81
C GLY B 24 -23.36 -24.93 2.36
N TYR B 25 -24.46 -24.21 2.15
CA TYR B 25 -24.89 -23.77 0.83
C TYR B 25 -25.30 -22.31 0.90
N VAL B 26 -25.35 -21.66 -0.26
CA VAL B 26 -25.55 -20.23 -0.35
C VAL B 26 -26.98 -19.94 -0.77
N ALA B 27 -27.64 -19.03 -0.06
CA ALA B 27 -28.98 -18.58 -0.37
C ALA B 27 -28.93 -17.11 -0.74
N LYS B 28 -29.36 -16.79 -1.97
CA LYS B 28 -29.47 -15.42 -2.42
C LYS B 28 -30.88 -14.87 -2.30
N SER B 29 -31.80 -15.64 -1.73
CA SER B 29 -33.18 -15.23 -1.52
C SER B 29 -33.70 -15.90 -0.26
N PRO B 30 -34.72 -15.34 0.37
CA PRO B 30 -35.25 -15.98 1.59
C PRO B 30 -35.88 -17.34 1.34
N ASP B 31 -36.44 -17.57 0.15
CA ASP B 31 -37.11 -18.84 -0.11
C ASP B 31 -36.11 -19.98 -0.25
N GLU B 32 -34.94 -19.72 -0.85
CA GLU B 32 -33.93 -20.76 -0.98
C GLU B 32 -33.17 -21.00 0.32
N ALA B 33 -33.24 -20.05 1.27
CA ALA B 33 -32.72 -20.34 2.60
C ALA B 33 -33.57 -21.39 3.30
N TYR B 34 -34.89 -21.33 3.11
CA TYR B 34 -35.77 -22.39 3.58
C TYR B 34 -35.37 -23.73 2.98
N ALA B 35 -35.11 -23.74 1.67
CA ALA B 35 -34.78 -24.99 0.99
C ALA B 35 -33.48 -25.59 1.51
N ILE B 36 -32.47 -24.75 1.73
CA ILE B 36 -31.19 -25.24 2.25
C ILE B 36 -31.36 -25.73 3.69
N ALA B 37 -32.12 -24.98 4.50
CA ALA B 37 -32.32 -25.38 5.89
C ALA B 37 -33.02 -26.73 5.99
N LYS B 38 -34.04 -26.95 5.15
CA LYS B 38 -34.73 -28.24 5.15
C LYS B 38 -33.81 -29.36 4.69
N LYS B 39 -32.90 -29.07 3.76
CA LYS B 39 -31.95 -30.08 3.30
C LYS B 39 -30.89 -30.40 4.34
N LEU B 40 -30.78 -29.62 5.40
CA LEU B 40 -29.80 -29.85 6.45
C LEU B 40 -30.37 -30.57 7.66
N GLY B 41 -31.69 -30.73 7.73
CA GLY B 41 -32.30 -31.44 8.84
C GLY B 41 -33.47 -30.70 9.46
N SER B 42 -33.73 -29.49 8.99
CA SER B 42 -34.83 -28.64 9.46
C SER B 42 -34.75 -28.34 10.95
N LYS B 43 -33.55 -28.43 11.53
CA LYS B 43 -33.37 -28.14 12.95
C LYS B 43 -32.26 -27.10 13.15
N ASP B 44 -31.22 -27.47 13.87
CA ASP B 44 -30.13 -26.53 14.16
C ASP B 44 -29.42 -26.16 12.86
N VAL B 45 -29.48 -24.88 12.50
CA VAL B 45 -28.91 -24.38 11.26
C VAL B 45 -28.39 -22.97 11.51
N VAL B 46 -27.21 -22.67 10.95
CA VAL B 46 -26.56 -21.38 11.12
C VAL B 46 -26.79 -20.54 9.87
N ILE B 47 -27.13 -19.27 10.07
CA ILE B 47 -27.31 -18.31 8.98
C ILE B 47 -26.18 -17.30 9.08
N LYS B 48 -25.34 -17.26 8.04
CA LYS B 48 -24.17 -16.38 8.01
C LYS B 48 -24.32 -15.39 6.86
N ALA B 49 -24.46 -14.12 7.20
CA ALA B 49 -24.52 -13.08 6.17
C ALA B 49 -23.19 -12.96 5.44
N GLN B 50 -23.26 -12.72 4.14
CA GLN B 50 -22.09 -12.62 3.29
C GLN B 50 -21.99 -11.19 2.76
N VAL B 51 -21.25 -10.37 3.48
CA VAL B 51 -20.90 -9.02 3.07
C VAL B 51 -19.39 -8.93 2.97
N LEU B 52 -18.91 -8.15 2.00
CA LEU B 52 -17.46 -8.04 1.78
C LEU B 52 -16.91 -6.77 2.42
N GLY B 57 -18.47 -8.67 10.99
CA GLY B 57 -19.74 -9.37 11.02
C GLY B 57 -20.55 -9.07 12.27
N LYS B 58 -19.90 -8.45 13.25
CA LYS B 58 -20.56 -8.09 14.52
C LYS B 58 -20.99 -6.63 14.49
N GLY B 59 -21.90 -6.32 13.56
CA GLY B 59 -22.41 -4.96 13.41
C GLY B 59 -23.91 -4.89 13.53
N THR B 60 -24.53 -3.98 12.75
CA THR B 60 -25.97 -3.77 12.80
C THR B 60 -26.49 -3.60 11.38
N PHE B 61 -27.54 -4.35 11.03
CA PHE B 61 -28.16 -4.23 9.73
C PHE B 61 -29.00 -2.96 9.67
N GLU B 62 -29.43 -2.62 8.45
CA GLU B 62 -30.34 -1.50 8.26
C GLU B 62 -31.76 -1.82 8.66
N SER B 63 -32.12 -3.11 8.73
CA SER B 63 -33.45 -3.53 9.15
C SER B 63 -33.59 -3.57 10.67
N GLY B 64 -32.55 -3.24 11.42
CA GLY B 64 -32.57 -3.25 12.86
C GLY B 64 -31.90 -4.44 13.50
N LEU B 65 -31.73 -5.53 12.76
CA LEU B 65 -31.11 -6.73 13.31
C LEU B 65 -29.61 -6.51 13.50
N LYS B 66 -29.14 -6.76 14.73
CA LYS B 66 -27.72 -6.63 15.06
C LYS B 66 -27.08 -8.01 15.03
N GLY B 67 -25.91 -8.10 14.39
CA GLY B 67 -25.22 -9.35 14.24
C GLY B 67 -25.44 -10.00 12.89
N GLY B 68 -24.38 -10.56 12.31
CA GLY B 68 -24.47 -11.13 10.98
C GLY B 68 -24.64 -12.63 10.95
N VAL B 69 -24.33 -13.31 12.06
CA VAL B 69 -24.40 -14.76 12.16
C VAL B 69 -25.42 -15.11 13.22
N LYS B 70 -26.45 -15.87 12.83
CA LYS B 70 -27.54 -16.22 13.72
C LYS B 70 -27.84 -17.72 13.63
N ILE B 71 -28.15 -18.31 14.77
CA ILE B 71 -28.51 -19.73 14.85
C ILE B 71 -30.02 -19.83 14.95
N VAL B 72 -30.63 -20.51 13.99
CA VAL B 72 -32.07 -20.71 13.97
C VAL B 72 -32.35 -22.21 14.00
N PHE B 73 -33.60 -22.56 14.33
CA PHE B 73 -33.97 -23.94 14.62
C PHE B 73 -35.12 -24.44 13.76
N SER B 74 -35.38 -23.80 12.62
CA SER B 74 -36.46 -24.25 11.74
C SER B 74 -36.26 -23.61 10.37
N PRO B 75 -36.69 -24.26 9.29
CA PRO B 75 -36.59 -23.63 7.97
C PRO B 75 -37.44 -22.37 7.86
N GLU B 76 -38.55 -22.30 8.59
CA GLU B 76 -39.37 -21.09 8.58
C GLU B 76 -38.63 -19.93 9.23
N GLU B 77 -37.90 -20.20 10.31
CA GLU B 77 -37.09 -19.16 10.94
C GLU B 77 -35.90 -18.79 10.07
N ALA B 78 -35.33 -19.75 9.35
CA ALA B 78 -34.23 -19.44 8.44
C ALA B 78 -34.68 -18.50 7.32
N LYS B 79 -35.91 -18.68 6.83
CA LYS B 79 -36.43 -17.76 5.82
C LYS B 79 -36.65 -16.37 6.39
N ALA B 80 -37.16 -16.28 7.63
CA ALA B 80 -37.48 -14.98 8.21
C ALA B 80 -36.23 -14.21 8.60
N VAL B 81 -35.20 -14.89 9.12
CA VAL B 81 -33.97 -14.22 9.49
C VAL B 81 -33.23 -13.73 8.25
N SER B 82 -33.22 -14.54 7.19
CA SER B 82 -32.60 -14.11 5.95
C SER B 82 -33.40 -13.01 5.26
N SER B 83 -34.67 -12.81 5.64
CA SER B 83 -35.44 -11.72 5.07
C SER B 83 -34.89 -10.37 5.49
N GLN B 84 -34.44 -10.26 6.73
CA GLN B 84 -33.87 -9.02 7.25
C GLN B 84 -32.38 -8.90 6.94
N MET B 85 -31.82 -9.82 6.15
CA MET B 85 -30.42 -9.78 5.76
C MET B 85 -30.26 -9.56 4.27
N ILE B 86 -30.83 -10.44 3.44
CA ILE B 86 -30.67 -10.35 2.00
C ILE B 86 -31.38 -9.10 1.49
N GLY B 87 -30.69 -8.33 0.66
CA GLY B 87 -31.21 -7.08 0.14
C GLY B 87 -31.03 -5.89 1.07
N LYS B 88 -30.53 -6.11 2.28
CA LYS B 88 -30.32 -5.04 3.25
C LYS B 88 -28.83 -4.82 3.46
N LYS B 89 -28.51 -3.67 4.06
CA LYS B 89 -27.14 -3.24 4.24
C LYS B 89 -26.74 -3.37 5.71
N LEU B 90 -25.50 -3.79 5.93
CA LEU B 90 -24.93 -3.88 7.27
C LEU B 90 -24.01 -2.67 7.52
N PHE B 91 -23.94 -2.24 8.77
CA PHE B 91 -23.17 -1.06 9.15
C PHE B 91 -22.29 -1.42 10.34
N THR B 92 -20.99 -1.56 10.09
CA THR B 92 -20.00 -1.81 11.13
C THR B 92 -19.06 -0.62 11.24
N LYS B 93 -18.10 -0.72 12.16
CA LYS B 93 -17.13 0.36 12.33
C LYS B 93 -16.18 0.45 11.14
N GLN B 94 -15.92 -0.67 10.47
CA GLN B 94 -15.04 -0.69 9.32
C GLN B 94 -15.71 -0.20 8.04
N THR B 95 -17.03 -0.02 8.05
CA THR B 95 -17.76 0.46 6.89
C THR B 95 -18.06 1.95 6.94
N GLY B 96 -17.86 2.60 8.09
CA GLY B 96 -18.10 4.02 8.20
C GLY B 96 -19.58 4.35 8.35
N GLU B 97 -19.92 5.58 7.95
CA GLU B 97 -21.31 6.01 8.00
C GLU B 97 -22.18 5.19 7.05
N LYS B 98 -21.64 4.82 5.90
CA LYS B 98 -22.33 3.95 4.96
C LYS B 98 -22.01 2.49 5.29
N GLY B 99 -22.51 1.57 4.47
CA GLY B 99 -22.29 0.17 4.71
C GLY B 99 -22.17 -0.66 3.44
N ARG B 100 -22.16 -1.98 3.61
CA ARG B 100 -22.07 -2.91 2.49
C ARG B 100 -23.41 -3.63 2.32
N ILE B 101 -23.77 -3.87 1.07
CA ILE B 101 -25.04 -4.53 0.76
C ILE B 101 -24.89 -6.04 0.93
N CYS B 102 -25.92 -6.67 1.48
CA CYS B 102 -25.96 -8.11 1.65
C CYS B 102 -27.01 -8.67 0.70
N ASN B 103 -26.57 -9.34 -0.36
CA ASN B 103 -27.47 -9.93 -1.34
CA ASN B 103 -27.46 -9.93 -1.35
C ASN B 103 -27.53 -11.44 -1.25
N GLN B 104 -26.87 -12.04 -0.26
CA GLN B 104 -26.88 -13.49 -0.10
C GLN B 104 -26.37 -13.84 1.29
N VAL B 105 -26.81 -15.00 1.79
CA VAL B 105 -26.38 -15.51 3.07
C VAL B 105 -25.90 -16.95 2.89
N LEU B 106 -25.02 -17.38 3.80
CA LEU B 106 -24.52 -18.74 3.82
C LEU B 106 -25.28 -19.53 4.87
N VAL B 107 -26.04 -20.52 4.43
CA VAL B 107 -26.85 -21.35 5.33
C VAL B 107 -26.10 -22.67 5.48
N CYS B 108 -25.35 -22.80 6.58
CA CYS B 108 -24.52 -23.97 6.81
C CYS B 108 -24.98 -24.70 8.07
N GLU B 109 -24.39 -25.86 8.29
CA GLU B 109 -24.76 -26.70 9.43
C GLU B 109 -24.18 -26.14 10.72
N ARG B 110 -24.83 -26.49 11.83
CA ARG B 110 -24.37 -26.07 13.16
C ARG B 110 -23.38 -27.09 13.70
N LYS B 111 -22.22 -26.60 14.14
CA LYS B 111 -21.19 -27.44 14.71
C LYS B 111 -21.04 -27.12 16.19
N TYR B 112 -20.74 -28.16 16.98
CA TYR B 112 -20.68 -28.05 18.43
C TYR B 112 -19.25 -28.29 18.88
N PRO B 113 -18.46 -27.22 19.04
CA PRO B 113 -17.02 -27.39 19.24
C PRO B 113 -16.63 -27.73 20.67
N ARG B 114 -15.63 -28.59 20.80
CA ARG B 114 -15.03 -28.84 22.11
C ARG B 114 -14.04 -27.75 22.49
N ARG B 115 -13.14 -27.41 21.58
CA ARG B 115 -12.02 -26.53 21.87
C ARG B 115 -11.65 -25.72 20.63
N GLU B 116 -11.53 -24.41 20.81
CA GLU B 116 -11.27 -23.48 19.73
C GLU B 116 -9.83 -23.00 19.79
N TYR B 117 -9.14 -23.04 18.66
CA TYR B 117 -7.79 -22.54 18.51
C TYR B 117 -7.77 -21.44 17.45
N TYR B 118 -6.62 -20.77 17.37
CA TYR B 118 -6.38 -19.76 16.34
C TYR B 118 -5.22 -20.23 15.47
N PHE B 119 -5.38 -20.10 14.15
CA PHE B 119 -4.32 -20.44 13.21
C PHE B 119 -4.37 -19.49 12.03
N ALA B 120 -3.20 -19.01 11.61
CA ALA B 120 -3.12 -18.06 10.52
C ALA B 120 -1.78 -18.22 9.81
N ILE B 121 -1.79 -17.93 8.52
CA ILE B 121 -0.58 -17.92 7.68
C ILE B 121 -0.52 -16.58 6.99
N THR B 122 0.55 -15.82 7.23
CA THR B 122 0.67 -14.49 6.64
C THR B 122 2.14 -14.22 6.32
N MET B 123 2.34 -13.26 5.40
CA MET B 123 3.66 -12.75 5.08
C MET B 123 3.96 -11.60 6.04
N GLU B 124 4.89 -11.82 6.96
CA GLU B 124 5.29 -10.81 7.93
C GLU B 124 6.59 -10.15 7.49
N ARG B 125 6.63 -8.82 7.54
CA ARG B 125 7.86 -8.11 7.19
C ARG B 125 8.96 -8.37 8.21
N SER B 126 8.60 -8.63 9.47
CA SER B 126 9.61 -8.86 10.49
C SER B 126 10.36 -10.16 10.26
N PHE B 127 9.75 -11.11 9.56
CA PHE B 127 10.40 -12.37 9.22
C PHE B 127 10.81 -12.46 7.76
N GLN B 128 10.41 -11.49 6.93
CA GLN B 128 10.76 -11.46 5.51
C GLN B 128 10.32 -12.73 4.79
N GLY B 129 9.11 -13.20 5.14
CA GLY B 129 8.57 -14.40 4.54
C GLY B 129 7.32 -14.89 5.23
N PRO B 130 6.83 -16.06 4.82
CA PRO B 130 5.62 -16.61 5.44
C PRO B 130 5.86 -17.04 6.88
N VAL B 131 4.83 -16.87 7.69
CA VAL B 131 4.87 -17.23 9.11
C VAL B 131 3.57 -17.92 9.47
N LEU B 132 3.66 -19.03 10.21
CA LEU B 132 2.49 -19.69 10.78
C LEU B 132 2.24 -19.12 12.17
N ILE B 133 1.02 -18.68 12.42
CA ILE B 133 0.61 -18.12 13.70
C ILE B 133 -0.36 -19.09 14.35
N GLY B 134 -0.11 -19.43 15.61
CA GLY B 134 -0.97 -20.35 16.33
C GLY B 134 -1.18 -19.89 17.76
N SER B 135 -2.35 -20.21 18.30
CA SER B 135 -2.69 -19.83 19.66
C SER B 135 -3.82 -20.70 20.16
N SER B 136 -3.77 -21.07 21.43
CA SER B 136 -4.85 -21.82 22.06
C SER B 136 -6.07 -20.94 22.34
N HIS B 137 -5.94 -19.63 22.22
CA HIS B 137 -7.05 -18.71 22.47
C HIS B 137 -7.76 -18.39 21.16
N GLY B 138 -8.52 -19.37 20.69
CA GLY B 138 -9.30 -19.23 19.48
C GLY B 138 -10.74 -18.82 19.77
N GLY B 139 -11.45 -18.49 18.69
CA GLY B 139 -12.80 -18.00 18.78
C GLY B 139 -12.94 -16.57 19.24
N VAL B 140 -11.84 -15.91 19.64
CA VAL B 140 -11.89 -14.53 20.09
C VAL B 140 -11.09 -13.64 19.15
N ASN B 141 -11.14 -12.34 19.38
CA ASN B 141 -10.34 -11.39 18.63
C ASN B 141 -8.86 -11.62 18.91
N ILE B 142 -8.04 -11.58 17.84
CA ILE B 142 -6.63 -11.91 17.98
C ILE B 142 -5.79 -10.71 18.43
N GLU B 143 -6.22 -9.49 18.15
CA GLU B 143 -5.44 -8.33 18.59
C GLU B 143 -5.51 -8.13 20.09
N ASP B 144 -6.64 -8.49 20.71
CA ASP B 144 -6.78 -8.31 22.15
C ASP B 144 -5.93 -9.30 22.93
N VAL B 145 -5.78 -10.53 22.42
CA VAL B 145 -4.91 -11.49 23.10
C VAL B 145 -3.44 -11.16 22.85
N ALA B 146 -3.10 -10.63 21.67
CA ALA B 146 -1.75 -10.17 21.42
C ALA B 146 -1.31 -9.07 22.38
N ALA B 147 -2.26 -8.36 22.99
CA ALA B 147 -1.97 -7.33 23.97
C ALA B 147 -2.11 -7.81 25.41
N GLU B 148 -3.09 -8.69 25.68
CA GLU B 148 -3.28 -9.17 27.04
C GLU B 148 -2.27 -10.25 27.40
N SER B 149 -2.13 -11.27 26.55
CA SER B 149 -1.22 -12.38 26.79
C SER B 149 -0.48 -12.71 25.50
N PRO B 150 0.60 -11.97 25.21
CA PRO B 150 1.38 -12.28 23.99
C PRO B 150 2.06 -13.64 24.02
N GLU B 151 2.29 -14.19 25.21
CA GLU B 151 2.90 -15.52 25.31
C GLU B 151 2.00 -16.61 24.74
N ALA B 152 0.69 -16.37 24.64
CA ALA B 152 -0.21 -17.32 24.04
C ALA B 152 -0.10 -17.37 22.52
N ILE B 153 0.56 -16.39 21.91
CA ILE B 153 0.76 -16.37 20.46
C ILE B 153 2.11 -17.01 20.14
N ILE B 154 2.08 -17.98 19.24
CA ILE B 154 3.28 -18.71 18.82
C ILE B 154 3.44 -18.55 17.31
N LYS B 155 4.62 -18.09 16.89
CA LYS B 155 4.90 -17.84 15.48
C LYS B 155 6.00 -18.78 15.00
N GLU B 156 5.81 -19.35 13.82
CA GLU B 156 6.77 -20.27 13.23
C GLU B 156 7.05 -19.85 11.79
N PRO B 157 8.23 -19.31 11.50
CA PRO B 157 8.52 -18.89 10.13
C PRO B 157 8.77 -20.10 9.22
N ILE B 158 8.46 -19.91 7.94
CA ILE B 158 8.59 -20.95 6.93
C ILE B 158 9.58 -20.47 5.87
N ASP B 159 10.56 -21.31 5.55
CA ASP B 159 11.51 -21.01 4.49
C ASP B 159 10.81 -21.08 3.14
N ILE B 160 10.84 -19.99 2.39
CA ILE B 160 10.13 -19.92 1.11
C ILE B 160 10.69 -20.90 0.10
N GLU B 161 11.96 -21.30 0.22
CA GLU B 161 12.55 -22.24 -0.73
C GLU B 161 12.22 -23.68 -0.36
N GLU B 162 12.51 -24.07 0.88
CA GLU B 162 12.31 -25.45 1.31
C GLU B 162 10.84 -25.78 1.59
N GLY B 163 9.96 -24.80 1.62
CA GLY B 163 8.56 -25.07 1.91
C GLY B 163 8.36 -25.42 3.38
N ILE B 164 7.12 -25.81 3.68
CA ILE B 164 6.74 -26.16 5.04
C ILE B 164 7.18 -27.59 5.33
N LYS B 165 7.71 -27.80 6.53
CA LYS B 165 8.09 -29.12 6.99
C LYS B 165 6.97 -29.70 7.86
N LYS B 166 6.78 -31.01 7.77
CA LYS B 166 5.76 -31.65 8.59
C LYS B 166 6.08 -31.52 10.07
N GLU B 167 7.37 -31.48 10.43
CA GLU B 167 7.76 -31.31 11.82
C GLU B 167 7.40 -29.92 12.33
N GLN B 168 7.43 -28.91 11.46
CA GLN B 168 7.05 -27.57 11.88
C GLN B 168 5.58 -27.51 12.25
N ALA B 169 4.71 -28.03 11.38
CA ALA B 169 3.27 -28.02 11.66
C ALA B 169 2.92 -28.90 12.85
N LEU B 170 3.64 -30.01 13.03
CA LEU B 170 3.39 -30.87 14.18
C LEU B 170 3.73 -30.16 15.48
N GLN B 171 4.92 -29.54 15.54
CA GLN B 171 5.35 -28.87 16.77
C GLN B 171 4.42 -27.72 17.14
N LEU B 172 3.98 -26.94 16.14
CA LEU B 172 3.08 -25.84 16.43
C LEU B 172 1.74 -26.34 16.96
N ALA B 173 1.23 -27.45 16.40
CA ALA B 173 -0.04 -27.99 16.85
C ALA B 173 0.03 -28.46 18.30
N GLN B 174 1.17 -29.03 18.72
CA GLN B 174 1.32 -29.44 20.11
C GLN B 174 1.40 -28.22 21.02
N LYS B 175 2.19 -27.22 20.64
CA LYS B 175 2.29 -26.00 21.44
C LYS B 175 0.97 -25.23 21.48
N MET B 176 0.12 -25.40 20.47
CA MET B 176 -1.20 -24.77 20.49
C MET B 176 -2.16 -25.47 21.45
N GLY B 177 -1.84 -26.67 21.89
CA GLY B 177 -2.69 -27.40 22.81
C GLY B 177 -3.55 -28.49 22.20
N PHE B 178 -3.29 -28.89 20.96
CA PHE B 178 -4.04 -29.99 20.37
C PHE B 178 -3.77 -31.28 21.14
N PRO B 179 -4.80 -32.08 21.40
CA PRO B 179 -4.56 -33.38 22.02
C PRO B 179 -3.72 -34.26 21.10
N PRO B 180 -2.88 -35.12 21.68
CA PRO B 180 -1.90 -35.85 20.86
C PRO B 180 -2.53 -36.76 19.81
N ASN B 181 -3.77 -37.20 20.00
CA ASN B 181 -4.38 -38.11 19.04
C ASN B 181 -4.77 -37.42 17.73
N ILE B 182 -4.78 -36.08 17.68
CA ILE B 182 -5.24 -35.37 16.50
C ILE B 182 -4.26 -34.28 16.11
N VAL B 183 -3.04 -34.32 16.68
CA VAL B 183 -2.03 -33.34 16.31
C VAL B 183 -1.64 -33.51 14.84
N GLU B 184 -1.59 -34.76 14.36
CA GLU B 184 -1.20 -35.01 12.99
C GLU B 184 -2.23 -34.47 12.01
N SER B 185 -3.51 -34.75 12.25
CA SER B 185 -4.56 -34.23 11.36
C SER B 185 -4.62 -32.71 11.43
N ALA B 186 -4.29 -32.13 12.59
CA ALA B 186 -4.18 -30.68 12.67
C ALA B 186 -2.99 -30.16 11.87
N ALA B 187 -1.87 -30.88 11.94
CA ALA B 187 -0.70 -30.50 11.15
C ALA B 187 -0.95 -30.68 9.65
N GLU B 188 -1.67 -31.74 9.28
CA GLU B 188 -2.00 -31.95 7.87
C GLU B 188 -2.87 -30.81 7.33
N ASN B 189 -3.83 -30.35 8.14
CA ASN B 189 -4.63 -29.19 7.75
C ASN B 189 -3.75 -27.96 7.54
N MET B 190 -2.82 -27.72 8.46
CA MET B 190 -1.95 -26.56 8.35
C MET B 190 -1.04 -26.65 7.13
N VAL B 191 -0.58 -27.85 6.78
CA VAL B 191 0.23 -28.00 5.57
C VAL B 191 -0.62 -27.76 4.33
N LYS B 192 -1.85 -28.28 4.31
CA LYS B 192 -2.75 -28.03 3.18
C LYS B 192 -3.02 -26.54 3.02
N LEU B 193 -3.10 -25.82 4.13
CA LEU B 193 -3.38 -24.38 4.07
C LEU B 193 -2.19 -23.60 3.55
N TYR B 194 -0.98 -24.02 3.88
CA TYR B 194 0.21 -23.39 3.33
C TYR B 194 0.29 -23.59 1.83
N SER B 195 -0.14 -24.75 1.33
CA SER B 195 -0.21 -24.95 -0.11
C SER B 195 -1.22 -24.00 -0.75
N LEU B 196 -2.39 -23.85 -0.12
CA LEU B 196 -3.37 -22.89 -0.59
C LEU B 196 -2.82 -21.47 -0.51
N PHE B 197 -2.04 -21.18 0.53
CA PHE B 197 -1.49 -19.85 0.73
C PHE B 197 -0.57 -19.45 -0.43
N LEU B 198 0.27 -20.37 -0.89
CA LEU B 198 1.20 -20.06 -1.96
C LEU B 198 0.55 -20.16 -3.33
N LYS B 199 -0.35 -21.13 -3.52
CA LYS B 199 -0.94 -21.36 -4.83
C LYS B 199 -1.75 -20.16 -5.32
N TYR B 200 -2.55 -19.56 -4.43
CA TYR B 200 -3.41 -18.46 -4.82
C TYR B 200 -2.82 -17.09 -4.48
N ASP B 201 -1.54 -17.04 -4.10
CA ASP B 201 -0.85 -15.78 -3.82
C ASP B 201 -1.58 -15.00 -2.73
N ALA B 202 -2.03 -15.70 -1.70
CA ALA B 202 -2.70 -15.06 -0.57
C ALA B 202 -1.69 -14.30 0.28
N THR B 203 -2.08 -13.12 0.76
CA THR B 203 -1.26 -12.39 1.71
C THR B 203 -1.52 -12.83 3.15
N MET B 204 -2.69 -13.41 3.43
CA MET B 204 -2.98 -13.93 4.76
C MET B 204 -4.17 -14.88 4.67
N ILE B 205 -4.04 -16.04 5.29
CA ILE B 205 -5.15 -16.97 5.48
C ILE B 205 -5.37 -17.07 6.98
N GLU B 206 -6.48 -16.53 7.46
CA GLU B 206 -6.81 -16.54 8.88
C GLU B 206 -8.01 -17.45 9.10
N ILE B 207 -7.85 -18.42 10.02
CA ILE B 207 -8.92 -19.32 10.40
C ILE B 207 -9.17 -19.14 11.89
N ASN B 208 -10.26 -18.47 12.23
CA ASN B 208 -10.62 -18.18 13.61
C ASN B 208 -12.08 -18.55 13.81
N PRO B 209 -12.38 -19.67 14.49
CA PRO B 209 -11.35 -20.54 15.05
C PRO B 209 -11.12 -21.85 14.30
N MET B 210 -9.88 -22.33 14.30
CA MET B 210 -9.61 -23.72 13.98
C MET B 210 -9.99 -24.55 15.20
N VAL B 211 -10.69 -25.66 14.99
CA VAL B 211 -11.46 -26.28 16.05
C VAL B 211 -11.34 -27.79 16.01
N GLU B 212 -11.59 -28.42 17.15
CA GLU B 212 -11.76 -29.86 17.26
C GLU B 212 -13.24 -30.17 17.33
N ASP B 213 -13.69 -31.08 16.46
CA ASP B 213 -15.09 -31.43 16.37
C ASP B 213 -15.56 -32.13 17.65
N SER B 214 -16.89 -32.23 17.80
CA SER B 214 -17.44 -33.06 18.84
C SER B 214 -17.09 -34.53 18.62
N ASP B 215 -16.84 -34.92 17.37
CA ASP B 215 -16.34 -36.23 17.03
C ASP B 215 -14.82 -36.33 17.15
N GLY B 216 -14.15 -35.24 17.56
CA GLY B 216 -12.72 -35.24 17.71
C GLY B 216 -11.93 -34.82 16.48
N ALA B 217 -12.60 -34.48 15.38
CA ALA B 217 -11.91 -34.14 14.14
C ALA B 217 -11.52 -32.67 14.14
N VAL B 218 -10.41 -32.38 13.46
CA VAL B 218 -9.96 -31.00 13.29
C VAL B 218 -10.74 -30.37 12.13
N LEU B 219 -11.22 -29.15 12.35
CA LEU B 219 -12.12 -28.51 11.39
C LEU B 219 -11.93 -27.01 11.44
N CYS B 220 -12.07 -26.37 10.27
CA CYS B 220 -11.94 -24.92 10.15
C CYS B 220 -13.34 -24.32 10.07
N MET B 221 -13.73 -23.55 11.09
CA MET B 221 -15.09 -23.01 11.16
C MET B 221 -15.25 -21.75 10.31
N ASP B 222 -14.26 -20.87 10.35
CA ASP B 222 -14.29 -19.63 9.58
C ASP B 222 -12.96 -19.47 8.85
N ALA B 223 -13.00 -18.81 7.69
CA ALA B 223 -11.82 -18.64 6.86
C ALA B 223 -11.84 -17.25 6.24
N LYS B 224 -10.82 -16.45 6.55
CA LYS B 224 -10.61 -15.15 5.95
C LYS B 224 -9.35 -15.22 5.10
N ILE B 225 -9.46 -14.94 3.81
CA ILE B 225 -8.33 -14.98 2.90
C ILE B 225 -8.20 -13.62 2.22
N ASN B 226 -7.00 -13.04 2.31
CA ASN B 226 -6.66 -11.82 1.58
C ASN B 226 -5.68 -12.19 0.47
N PHE B 227 -5.92 -11.66 -0.73
CA PHE B 227 -5.13 -11.99 -1.90
C PHE B 227 -4.26 -10.80 -2.31
N ASP B 228 -3.07 -11.09 -2.80
CA ASP B 228 -2.17 -10.07 -3.34
C ASP B 228 -2.66 -9.67 -4.73
N SER B 229 -3.21 -8.45 -4.83
CA SER B 229 -3.73 -7.97 -6.10
C SER B 229 -2.64 -7.79 -7.15
N ASN B 230 -1.37 -7.72 -6.75
CA ASN B 230 -0.28 -7.68 -7.72
C ASN B 230 -0.16 -8.98 -8.50
N SER B 231 -0.73 -10.07 -7.99
CA SER B 231 -0.64 -11.38 -8.63
C SER B 231 -1.89 -11.71 -9.43
N ALA B 232 -2.70 -10.71 -9.78
CA ALA B 232 -3.94 -10.97 -10.51
C ALA B 232 -3.68 -11.60 -11.87
N TYR B 233 -2.56 -11.26 -12.50
CA TYR B 233 -2.27 -11.79 -13.83
C TYR B 233 -2.07 -13.31 -13.80
N ARG B 234 -1.59 -13.85 -12.69
CA ARG B 234 -1.41 -15.29 -12.54
C ARG B 234 -2.42 -15.92 -11.60
N GLN B 235 -3.50 -15.20 -11.26
CA GLN B 235 -4.59 -15.73 -10.43
C GLN B 235 -5.92 -15.47 -11.14
N LYS B 236 -6.10 -16.10 -12.30
CA LYS B 236 -7.30 -15.88 -13.09
C LYS B 236 -8.54 -16.45 -12.40
N LYS B 237 -8.40 -17.57 -11.70
CA LYS B 237 -9.54 -18.17 -11.03
C LYS B 237 -10.06 -17.28 -9.90
N ILE B 238 -9.15 -16.77 -9.07
CA ILE B 238 -9.56 -15.96 -7.92
C ILE B 238 -10.18 -14.64 -8.39
N PHE B 239 -9.48 -13.93 -9.27
CA PHE B 239 -9.89 -12.59 -9.67
C PHE B 239 -10.98 -12.60 -10.74
N ASP B 240 -11.67 -13.72 -10.93
CA ASP B 240 -12.87 -13.78 -11.74
C ASP B 240 -14.13 -13.87 -10.88
N LEU B 241 -13.98 -13.95 -9.57
CA LEU B 241 -15.10 -14.16 -8.66
C LEU B 241 -15.49 -12.85 -7.97
N LYS B 252 -16.53 1.44 -7.29
CA LYS B 252 -17.53 1.12 -8.30
C LYS B 252 -16.88 0.89 -9.66
N ASP B 253 -16.92 1.91 -10.52
CA ASP B 253 -16.25 1.87 -11.81
C ASP B 253 -14.79 2.29 -11.71
N ALA B 254 -14.29 2.54 -10.50
CA ALA B 254 -12.87 2.80 -10.31
C ALA B 254 -12.02 1.67 -10.85
N ALA B 255 -12.28 0.46 -10.37
CA ALA B 255 -11.59 -0.72 -10.90
C ALA B 255 -11.88 -0.89 -12.38
N LYS B 256 -13.09 -0.53 -12.81
CA LYS B 256 -13.42 -0.63 -14.23
C LYS B 256 -12.54 0.29 -15.07
N ALA B 257 -12.24 1.47 -14.57
CA ALA B 257 -11.36 2.41 -15.25
C ALA B 257 -9.92 2.36 -14.75
N ASN B 258 -9.62 1.43 -13.83
CA ASN B 258 -8.26 1.19 -13.33
C ASN B 258 -7.71 2.45 -12.65
N LEU B 259 -8.28 2.73 -11.48
CA LEU B 259 -7.82 3.82 -10.63
C LEU B 259 -7.90 3.37 -9.18
N ASN B 260 -6.81 3.58 -8.44
CA ASN B 260 -6.76 3.23 -7.02
C ASN B 260 -7.69 4.18 -6.28
N TYR B 261 -8.91 3.73 -6.00
CA TYR B 261 -9.93 4.58 -5.40
C TYR B 261 -10.57 3.88 -4.22
N ILE B 262 -10.79 4.62 -3.14
CA ILE B 262 -11.45 4.11 -1.94
C ILE B 262 -12.35 5.21 -1.40
N GLY B 263 -13.66 4.97 -1.38
CA GLY B 263 -14.58 5.95 -0.87
C GLY B 263 -14.53 6.04 0.64
N LEU B 264 -14.65 7.27 1.16
CA LEU B 264 -14.63 7.54 2.58
C LEU B 264 -15.86 8.35 2.97
N ASP B 265 -15.94 8.73 4.24
CA ASP B 265 -17.11 9.41 4.77
C ASP B 265 -17.05 10.93 4.66
N GLY B 266 -15.91 11.48 4.24
CA GLY B 266 -15.77 12.92 4.14
C GLY B 266 -16.61 13.53 3.03
N ASN B 267 -16.46 14.84 2.87
CA ASN B 267 -17.23 15.59 1.87
C ASN B 267 -16.34 16.45 0.98
N ILE B 268 -15.02 16.24 0.99
CA ILE B 268 -14.11 16.99 0.14
C ILE B 268 -13.41 16.00 -0.80
N GLY B 269 -13.63 16.18 -2.10
CA GLY B 269 -13.00 15.33 -3.08
C GLY B 269 -11.49 15.45 -3.07
N CYS B 270 -10.84 14.38 -3.52
CA CYS B 270 -9.38 14.29 -3.53
CA CYS B 270 -9.38 14.29 -3.54
C CYS B 270 -8.95 13.59 -4.81
N LEU B 271 -8.11 14.26 -5.60
CA LEU B 271 -7.59 13.72 -6.86
C LEU B 271 -6.09 14.00 -6.89
N VAL B 272 -5.28 12.97 -6.58
CA VAL B 272 -3.84 13.13 -6.43
C VAL B 272 -3.15 12.03 -7.24
N ASN B 273 -1.94 12.34 -7.70
CA ASN B 273 -1.05 11.34 -8.30
C ASN B 273 -0.02 10.92 -7.26
N GLY B 274 0.20 9.62 -7.13
CA GLY B 274 1.09 9.09 -6.11
C GLY B 274 0.34 8.76 -4.83
N ALA B 275 0.52 7.52 -4.34
CA ALA B 275 -0.22 7.07 -3.18
C ALA B 275 0.21 7.81 -1.91
N GLY B 276 1.50 8.11 -1.78
CA GLY B 276 1.96 8.85 -0.62
C GLY B 276 1.41 10.27 -0.58
N LEU B 277 1.47 10.96 -1.71
CA LEU B 277 0.93 12.32 -1.78
C LEU B 277 -0.58 12.34 -1.62
N ALA B 278 -1.26 11.27 -2.05
CA ALA B 278 -2.71 11.21 -1.89
C ALA B 278 -3.10 11.03 -0.44
N MET B 279 -2.36 10.19 0.29
CA MET B 279 -2.60 10.07 1.73
C MET B 279 -2.23 11.35 2.46
N ALA B 280 -1.17 12.03 2.01
CA ALA B 280 -0.79 13.30 2.61
C ALA B 280 -1.81 14.38 2.32
N THR B 281 -2.44 14.36 1.14
CA THR B 281 -3.48 15.32 0.83
C THR B 281 -4.72 15.09 1.69
N MET B 282 -5.06 13.82 1.95
CA MET B 282 -6.15 13.53 2.88
C MET B 282 -5.81 14.01 4.27
N ASP B 283 -4.55 13.88 4.68
CA ASP B 283 -4.15 14.29 6.02
C ASP B 283 -4.19 15.81 6.19
N ILE B 284 -3.74 16.54 5.17
CA ILE B 284 -3.68 18.00 5.28
C ILE B 284 -5.07 18.60 5.25
N ILE B 285 -6.02 17.92 4.59
CA ILE B 285 -7.40 18.39 4.60
C ILE B 285 -7.99 18.26 6.01
N LYS B 286 -7.76 17.11 6.65
CA LYS B 286 -8.20 16.93 8.03
C LYS B 286 -7.49 17.92 8.96
N LEU B 287 -6.24 18.28 8.64
CA LEU B 287 -5.50 19.20 9.50
C LEU B 287 -6.10 20.60 9.48
N HIS B 288 -6.67 21.01 8.36
CA HIS B 288 -7.23 22.35 8.21
C HIS B 288 -8.73 22.39 8.47
N GLY B 289 -9.29 21.34 9.09
CA GLY B 289 -10.68 21.34 9.51
C GLY B 289 -11.64 20.61 8.60
N GLY B 290 -11.18 20.09 7.45
CA GLY B 290 -12.05 19.37 6.54
C GLY B 290 -12.00 17.86 6.76
N THR B 291 -12.80 17.16 5.95
CA THR B 291 -12.86 15.71 5.98
C THR B 291 -12.68 15.19 4.56
N PRO B 292 -11.67 14.37 4.29
CA PRO B 292 -11.49 13.85 2.92
C PRO B 292 -12.57 12.84 2.57
N ALA B 293 -13.10 12.98 1.36
CA ALA B 293 -14.19 12.12 0.91
C ALA B 293 -13.71 10.83 0.26
N ASN B 294 -12.45 10.77 -0.17
CA ASN B 294 -11.98 9.60 -0.90
C ASN B 294 -10.47 9.59 -0.94
N PHE B 295 -9.92 8.40 -1.21
CA PHE B 295 -8.53 8.23 -1.61
C PHE B 295 -8.51 7.91 -3.10
N LEU B 296 -7.63 8.59 -3.83
CA LEU B 296 -7.51 8.32 -5.26
C LEU B 296 -6.08 8.60 -5.71
N ASP B 297 -5.52 7.66 -6.47
CA ASP B 297 -4.18 7.76 -7.03
C ASP B 297 -4.29 7.57 -8.53
N VAL B 298 -4.18 8.66 -9.29
CA VAL B 298 -4.14 8.54 -10.75
C VAL B 298 -2.77 8.03 -11.19
N GLY B 299 -1.71 8.35 -10.44
CA GLY B 299 -0.38 7.86 -10.73
C GLY B 299 0.17 8.34 -12.07
N GLY B 300 1.30 7.74 -12.43
CA GLY B 300 1.92 8.04 -13.70
C GLY B 300 1.15 7.48 -14.87
N GLY B 301 1.43 8.01 -16.05
CA GLY B 301 0.73 7.58 -17.24
C GLY B 301 -0.74 7.94 -17.25
N ALA B 302 -1.12 9.04 -16.59
CA ALA B 302 -2.52 9.44 -16.46
C ALA B 302 -2.95 10.15 -17.74
N THR B 303 -3.89 9.54 -18.47
CA THR B 303 -4.44 10.12 -19.67
C THR B 303 -5.60 11.06 -19.30
N VAL B 304 -6.18 11.70 -20.32
CA VAL B 304 -7.33 12.58 -20.09
C VAL B 304 -8.51 11.77 -19.56
N HIS B 305 -8.68 10.54 -20.06
CA HIS B 305 -9.81 9.72 -19.63
C HIS B 305 -9.73 9.35 -18.15
N GLN B 306 -8.51 9.22 -17.61
CA GLN B 306 -8.35 8.90 -16.20
C GLN B 306 -8.95 10.01 -15.34
N VAL B 307 -8.52 11.25 -15.56
CA VAL B 307 -8.99 12.36 -14.75
C VAL B 307 -10.49 12.60 -14.96
N THR B 308 -10.99 12.33 -16.18
CA THR B 308 -12.43 12.46 -16.41
C THR B 308 -13.21 11.41 -15.63
N GLU B 309 -12.72 10.16 -15.64
CA GLU B 309 -13.34 9.12 -14.83
C GLU B 309 -13.06 9.34 -13.36
N ALA B 310 -11.92 9.93 -13.01
CA ALA B 310 -11.65 10.28 -11.62
C ALA B 310 -12.61 11.34 -11.14
N PHE B 311 -12.86 12.37 -11.96
CA PHE B 311 -13.84 13.38 -11.59
C PHE B 311 -15.25 12.81 -11.54
N LYS B 312 -15.61 11.98 -12.53
CA LYS B 312 -16.93 11.37 -12.54
C LYS B 312 -17.14 10.48 -11.32
N LEU B 313 -16.07 9.92 -10.77
CA LEU B 313 -16.20 9.07 -9.58
C LEU B 313 -16.41 9.92 -8.33
N ILE B 314 -15.66 11.01 -8.19
CA ILE B 314 -15.79 11.86 -7.02
C ILE B 314 -17.14 12.57 -7.02
N THR B 315 -17.56 13.08 -8.18
CA THR B 315 -18.82 13.78 -8.29
C THR B 315 -20.02 12.84 -8.33
N SER B 316 -19.79 11.53 -8.48
CA SER B 316 -20.87 10.56 -8.32
C SER B 316 -21.41 10.49 -6.90
N ASP B 317 -20.74 11.16 -5.95
CA ASP B 317 -21.19 11.23 -4.56
C ASP B 317 -21.80 12.60 -4.32
N LYS B 318 -23.08 12.62 -3.93
CA LYS B 318 -23.76 13.89 -3.71
C LYS B 318 -23.25 14.64 -2.50
N LYS B 319 -22.66 13.94 -1.53
CA LYS B 319 -22.17 14.61 -0.33
C LYS B 319 -20.90 15.40 -0.58
N VAL B 320 -20.22 15.17 -1.69
CA VAL B 320 -18.98 15.90 -2.00
C VAL B 320 -19.35 17.36 -2.27
N LEU B 321 -18.75 18.27 -1.50
CA LEU B 321 -19.02 19.69 -1.62
C LEU B 321 -17.90 20.48 -2.27
N ALA B 322 -16.69 19.92 -2.33
CA ALA B 322 -15.56 20.57 -2.98
C ALA B 322 -14.56 19.50 -3.39
N ILE B 323 -13.73 19.85 -4.36
CA ILE B 323 -12.73 18.92 -4.90
C ILE B 323 -11.38 19.62 -4.92
N LEU B 324 -10.40 19.01 -4.27
CA LEU B 324 -9.02 19.47 -4.32
C LEU B 324 -8.19 18.47 -5.10
N VAL B 325 -7.64 18.88 -6.23
CA VAL B 325 -6.72 18.05 -6.99
C VAL B 325 -5.31 18.58 -6.76
N ASN B 326 -4.39 17.67 -6.50
CA ASN B 326 -3.01 18.02 -6.13
C ASN B 326 -2.09 17.11 -6.93
N ILE B 327 -1.53 17.64 -8.01
CA ILE B 327 -0.72 16.86 -8.95
C ILE B 327 0.67 17.46 -8.99
N PHE B 328 1.69 16.62 -8.81
CA PHE B 328 3.08 16.99 -8.96
C PHE B 328 3.60 16.39 -10.26
N GLY B 329 3.86 17.26 -11.24
CA GLY B 329 4.37 16.81 -12.53
C GLY B 329 5.86 17.03 -12.69
N CYS B 334 2.66 21.37 -17.36
CA CYS B 334 1.49 21.54 -16.50
C CYS B 334 0.27 22.01 -17.29
N ASP B 335 0.51 22.47 -18.52
CA ASP B 335 -0.58 22.91 -19.36
C ASP B 335 -1.42 21.73 -19.85
N VAL B 336 -0.77 20.63 -20.21
CA VAL B 336 -1.50 19.45 -20.69
C VAL B 336 -2.32 18.83 -19.57
N ILE B 337 -1.83 18.88 -18.34
CA ILE B 337 -2.60 18.38 -17.20
C ILE B 337 -3.77 19.30 -16.90
N ALA B 338 -3.59 20.60 -17.10
CA ALA B 338 -4.68 21.55 -16.84
C ALA B 338 -5.80 21.40 -17.85
N GLN B 339 -5.46 21.17 -19.13
CA GLN B 339 -6.48 21.03 -20.15
C GLN B 339 -7.34 19.79 -19.92
N GLY B 340 -6.77 18.74 -19.33
CA GLY B 340 -7.56 17.56 -19.02
C GLY B 340 -8.57 17.81 -17.92
N ILE B 341 -8.24 18.65 -16.94
CA ILE B 341 -9.19 18.99 -15.89
C ILE B 341 -10.28 19.91 -16.42
N VAL B 342 -9.89 20.88 -17.26
CA VAL B 342 -10.87 21.82 -17.81
C VAL B 342 -11.88 21.08 -18.69
N MET B 343 -11.42 20.06 -19.41
CA MET B 343 -12.32 19.31 -20.28
C MET B 343 -13.31 18.48 -19.48
N ALA B 344 -12.86 17.89 -18.37
CA ALA B 344 -13.74 17.06 -17.57
C ALA B 344 -14.75 17.90 -16.80
N VAL B 345 -14.38 19.12 -16.39
CA VAL B 345 -15.30 19.97 -15.65
C VAL B 345 -16.45 20.40 -16.54
N LYS B 346 -16.18 20.71 -17.82
CA LYS B 346 -17.22 21.21 -18.70
C LYS B 346 -18.19 20.13 -19.15
N ASP B 347 -17.73 18.88 -19.28
CA ASP B 347 -18.60 17.82 -19.77
C ASP B 347 -19.54 17.30 -18.68
N LEU B 348 -19.04 17.15 -17.46
CA LEU B 348 -19.84 16.63 -16.36
C LEU B 348 -20.73 17.68 -15.72
N GLU B 349 -20.67 18.93 -16.18
CA GLU B 349 -21.46 20.03 -15.62
C GLU B 349 -21.20 20.18 -14.12
N ILE B 350 -19.92 20.22 -13.76
CA ILE B 350 -19.53 20.29 -12.35
C ILE B 350 -19.81 21.69 -11.83
N LYS B 351 -20.62 21.78 -10.77
CA LYS B 351 -21.00 23.05 -10.19
C LYS B 351 -20.38 23.31 -8.83
N ILE B 352 -19.67 22.34 -8.25
CA ILE B 352 -19.05 22.51 -6.93
C ILE B 352 -17.68 23.13 -7.11
N PRO B 353 -17.14 23.80 -6.09
CA PRO B 353 -15.81 24.43 -6.25
C PRO B 353 -14.72 23.40 -6.44
N VAL B 354 -13.75 23.74 -7.28
CA VAL B 354 -12.60 22.88 -7.57
C VAL B 354 -11.34 23.71 -7.35
N VAL B 355 -10.50 23.29 -6.41
CA VAL B 355 -9.22 23.93 -6.14
C VAL B 355 -8.13 23.03 -6.70
N VAL B 356 -7.32 23.56 -7.61
CA VAL B 356 -6.25 22.79 -8.23
C VAL B 356 -4.91 23.32 -7.77
N ARG B 357 -3.94 22.42 -7.66
CA ARG B 357 -2.59 22.74 -7.21
C ARG B 357 -1.62 21.92 -8.07
N LEU B 358 -0.96 22.59 -9.01
CA LEU B 358 -0.11 21.93 -9.99
C LEU B 358 1.33 22.39 -9.83
N GLN B 359 2.26 21.42 -9.80
CA GLN B 359 3.69 21.67 -9.75
C GLN B 359 4.36 20.91 -10.89
N GLY B 360 5.18 21.59 -11.67
CA GLY B 360 5.89 20.92 -12.73
C GLY B 360 6.41 21.79 -13.86
N THR B 361 5.94 21.52 -15.07
CA THR B 361 6.56 22.08 -16.28
C THR B 361 6.22 23.56 -16.47
N ARG B 362 4.96 23.85 -16.77
CA ARG B 362 4.53 25.21 -17.12
C ARG B 362 3.40 25.62 -16.17
N VAL B 363 3.78 26.10 -14.99
CA VAL B 363 2.80 26.52 -14.00
C VAL B 363 2.17 27.84 -14.39
N ASP B 364 2.96 28.76 -14.94
CA ASP B 364 2.44 30.08 -15.31
C ASP B 364 1.45 29.98 -16.46
N ASP B 365 1.74 29.13 -17.45
CA ASP B 365 0.82 28.97 -18.57
C ASP B 365 -0.41 28.14 -18.19
N ALA B 366 -0.25 27.19 -17.26
CA ALA B 366 -1.39 26.40 -16.82
C ALA B 366 -2.30 27.21 -15.91
N LYS B 367 -1.72 28.04 -15.04
CA LYS B 367 -2.54 28.90 -14.18
C LYS B 367 -3.31 29.92 -15.00
N ALA B 368 -2.74 30.39 -16.11
CA ALA B 368 -3.47 31.28 -17.01
C ALA B 368 -4.50 30.50 -17.83
N LEU B 369 -4.26 29.21 -18.07
CA LEU B 369 -5.20 28.39 -18.83
C LEU B 369 -6.54 28.28 -18.09
N ILE B 370 -6.49 27.80 -16.83
CA ILE B 370 -7.73 27.60 -16.08
C ILE B 370 -8.42 28.93 -15.80
N ALA B 371 -7.64 29.98 -15.58
CA ALA B 371 -8.21 31.28 -15.24
C ALA B 371 -8.81 31.97 -16.46
N ASP B 372 -8.02 32.11 -17.53
CA ASP B 372 -8.44 32.86 -18.71
C ASP B 372 -9.21 32.01 -19.72
N SER B 373 -9.82 30.91 -19.28
CA SER B 373 -10.62 30.08 -20.16
C SER B 373 -11.87 29.55 -19.42
N GLY B 374 -12.67 30.49 -18.91
CA GLY B 374 -14.03 30.17 -18.54
C GLY B 374 -14.31 29.78 -17.10
N LEU B 375 -14.26 28.47 -16.81
CA LEU B 375 -14.90 27.91 -15.63
C LEU B 375 -14.28 28.43 -14.34
N LYS B 376 -15.05 28.30 -13.25
CA LYS B 376 -14.66 28.81 -11.94
C LYS B 376 -13.79 27.75 -11.26
N ILE B 377 -12.50 27.76 -11.61
CA ILE B 377 -11.51 26.86 -11.04
C ILE B 377 -10.42 27.72 -10.40
N LEU B 378 -10.12 27.44 -9.13
CA LEU B 378 -9.10 28.17 -8.39
C LEU B 378 -7.79 27.40 -8.41
N ALA B 379 -6.71 28.11 -8.76
CA ALA B 379 -5.38 27.51 -8.84
C ALA B 379 -4.51 28.07 -7.73
N CYS B 380 -3.91 27.17 -6.95
CA CYS B 380 -3.02 27.53 -5.86
C CYS B 380 -1.62 26.98 -6.13
N ASP B 381 -0.64 27.59 -5.45
CA ASP B 381 0.75 27.18 -5.57
C ASP B 381 1.24 26.40 -4.36
N ASP B 382 0.81 26.78 -3.17
CA ASP B 382 1.25 26.16 -1.92
C ASP B 382 0.23 25.11 -1.48
N LEU B 383 0.74 24.04 -0.85
CA LEU B 383 -0.12 22.95 -0.44
C LEU B 383 -1.03 23.36 0.73
N ASP B 384 -0.49 24.09 1.70
CA ASP B 384 -1.32 24.60 2.78
C ASP B 384 -2.35 25.59 2.26
N GLU B 385 -1.94 26.47 1.34
CA GLU B 385 -2.88 27.42 0.75
C GLU B 385 -4.05 26.71 0.09
N ALA B 386 -3.76 25.71 -0.75
CA ALA B 386 -4.82 24.96 -1.41
C ALA B 386 -5.67 24.21 -0.40
N ALA B 387 -5.09 23.77 0.71
CA ALA B 387 -5.86 23.05 1.71
C ALA B 387 -6.84 23.97 2.44
N ARG B 388 -6.39 25.16 2.82
CA ARG B 388 -7.29 26.12 3.45
C ARG B 388 -8.41 26.54 2.51
N MET B 389 -8.09 26.70 1.23
CA MET B 389 -9.10 27.14 0.26
C MET B 389 -10.22 26.11 0.12
N VAL B 390 -9.85 24.84 -0.09
CA VAL B 390 -10.87 23.83 -0.35
C VAL B 390 -11.70 23.57 0.90
N VAL B 391 -11.13 23.77 2.08
CA VAL B 391 -11.91 23.60 3.31
C VAL B 391 -12.86 24.77 3.51
N LYS B 392 -12.38 26.00 3.31
CA LYS B 392 -13.23 27.17 3.48
C LYS B 392 -14.35 27.19 2.45
N LEU B 393 -14.07 26.78 1.22
CA LEU B 393 -15.10 26.75 0.19
C LEU B 393 -16.17 25.71 0.52
N SER B 394 -15.75 24.56 1.05
CA SER B 394 -16.73 23.53 1.43
C SER B 394 -17.61 24.01 2.59
N GLU B 395 -17.01 24.75 3.53
CA GLU B 395 -17.81 25.28 4.64
C GLU B 395 -18.80 26.33 4.16
N ILE B 396 -18.44 27.13 3.16
CA ILE B 396 -19.39 28.07 2.56
C ILE B 396 -20.56 27.31 1.98
N VAL B 397 -20.29 26.22 1.25
CA VAL B 397 -21.35 25.42 0.65
C VAL B 397 -22.22 24.81 1.75
N THR B 398 -21.58 24.33 2.82
CA THR B 398 -22.33 23.80 3.96
C THR B 398 -23.24 24.86 4.57
N LEU B 399 -22.71 26.05 4.78
CA LEU B 399 -23.51 27.14 5.35
C LEU B 399 -24.63 27.54 4.40
N ALA B 400 -24.36 27.53 3.09
CA ALA B 400 -25.39 27.89 2.13
C ALA B 400 -26.52 26.86 2.13
N LYS B 401 -26.18 25.58 2.29
CA LYS B 401 -27.22 24.55 2.38
C LYS B 401 -28.01 24.69 3.67
N GLN B 402 -27.34 24.96 4.80
CA GLN B 402 -28.04 25.15 6.05
C GLN B 402 -28.92 26.40 6.01
N ALA B 403 -28.42 27.48 5.40
CA ALA B 403 -29.21 28.69 5.23
C ALA B 403 -30.22 28.59 4.11
N HIS B 404 -30.20 27.49 3.35
CA HIS B 404 -31.15 27.26 2.25
C HIS B 404 -31.07 28.37 1.20
N VAL B 405 -29.85 28.80 0.90
CA VAL B 405 -29.59 29.76 -0.16
C VAL B 405 -28.52 29.16 -1.07
N ASP B 406 -28.46 29.69 -2.30
CA ASP B 406 -27.47 29.28 -3.28
C ASP B 406 -26.42 30.38 -3.42
N VAL B 407 -25.15 29.98 -3.44
CA VAL B 407 -24.04 30.91 -3.53
C VAL B 407 -23.29 30.67 -4.82
N LYS B 408 -22.93 31.76 -5.50
CA LYS B 408 -22.13 31.71 -6.72
C LYS B 408 -20.82 32.45 -6.45
N PHE B 409 -19.70 31.81 -6.79
CA PHE B 409 -18.39 32.36 -6.49
C PHE B 409 -17.86 33.20 -7.65
N GLN B 410 -17.08 34.22 -7.31
CA GLN B 410 -16.34 35.02 -8.27
C GLN B 410 -14.89 35.10 -7.79
N LEU B 411 -13.96 34.69 -8.66
CA LEU B 411 -12.61 34.38 -8.24
C LEU B 411 -11.62 35.42 -8.76
N PRO B 412 -10.53 35.66 -8.02
CA PRO B 412 -9.53 36.65 -8.46
C PRO B 412 -8.75 36.20 -9.68
N ILE B 413 -7.84 37.05 -10.17
CA ILE B 413 -7.05 36.75 -11.35
C ILE B 413 -6.03 35.66 -11.04
#